data_3E60
#
_entry.id   3E60
#
_cell.length_a   91.339
_cell.length_b   91.339
_cell.length_c   251.177
_cell.angle_alpha   90.00
_cell.angle_beta   90.00
_cell.angle_gamma   90.00
#
_symmetry.space_group_name_H-M   'P 43 21 2'
#
loop_
_entity.id
_entity.type
_entity.pdbx_description
1 polymer '3-oxoacyl-[acyl-carrier-protein ] synthase II'
2 non-polymer 'POTASSIUM ION'
3 water water
#
_entity_poly.entity_id   1
_entity_poly.type   'polypeptide(L)'
_entity_poly.pdbx_seq_one_letter_code
;GPGSMRRVVITGLGLVSPLAGDVEYSWKRLLEGKSGVRRITEFDVSDLSCQIAARIPVGDGTNGTYNADLHMESKEQRKV
DAFIVYAIAAADQALADAEWFPKSDEDQICTGVLIGSGIGGIEGIVEAGYTLRDKGPRRISPFFIPGRLINLASGYVSIK
YGLRGPNHSVVTACSTGAHAIGDAARLIALGDADVMLAGGTESPINRISLAGFSACRALSTCRNDDPERASRPYDVDRDG
FVMGEGAAIVVLEELEHAKKRGARIYAEIIGYGLSGDAYHITAPSESGEGAQRSMMAALKRAQVNVSELDYINAHGTSTM
ADVIELAAVERVLGYYAPQVSMSSTKSSIGHLLGAAGAAEAIFCVLAIRDNIAPATLNLENPSIETKIDLVPHKPRERKI
DTVLSNSFGFGGTNASLVMRRFSE
;
_entity_poly.pdbx_strand_id   A,B
#
loop_
_chem_comp.id
_chem_comp.type
_chem_comp.name
_chem_comp.formula
K non-polymer 'POTASSIUM ION' 'K 1'
#
# COMPACT_ATOMS: atom_id res chain seq x y z
N MET A 5 23.23 -8.39 -2.56
CA MET A 5 22.12 -8.33 -1.55
C MET A 5 22.58 -8.84 -0.21
N ARG A 6 22.28 -8.06 0.83
CA ARG A 6 22.64 -8.45 2.21
C ARG A 6 21.60 -9.44 2.72
N ARG A 7 22.03 -10.28 3.65
CA ARG A 7 21.15 -11.28 4.25
C ARG A 7 20.26 -10.68 5.35
N VAL A 8 19.05 -11.20 5.45
CA VAL A 8 18.04 -10.66 6.34
C VAL A 8 17.45 -11.72 7.25
N VAL A 9 17.48 -11.43 8.55
CA VAL A 9 16.99 -12.36 9.54
C VAL A 9 15.88 -11.77 10.39
N ILE A 10 15.19 -12.65 11.08
CA ILE A 10 14.08 -12.27 11.95
C ILE A 10 14.50 -12.38 13.40
N THR A 11 14.39 -11.27 14.14
CA THR A 11 14.91 -11.21 15.51
C THR A 11 13.87 -10.84 16.56
N GLY A 12 12.64 -10.63 16.12
CA GLY A 12 11.57 -10.29 17.04
C GLY A 12 10.20 -10.56 16.47
N LEU A 13 9.29 -10.96 17.34
CA LEU A 13 7.94 -11.32 16.97
C LEU A 13 6.91 -10.63 17.84
N GLY A 14 5.85 -10.17 17.20
CA GLY A 14 4.73 -9.56 17.90
C GLY A 14 3.43 -9.99 17.26
N LEU A 15 2.44 -10.26 18.08
CA LEU A 15 1.17 -10.78 17.58
C LEU A 15 0.02 -10.49 18.53
N VAL A 16 -1.03 -9.90 17.99
CA VAL A 16 -2.31 -9.81 18.66
C VAL A 16 -3.31 -10.53 17.78
N SER A 17 -3.85 -11.62 18.30
CA SER A 17 -4.62 -12.58 17.50
C SER A 17 -5.91 -13.02 18.17
N PRO A 18 -6.78 -13.73 17.44
CA PRO A 18 -8.01 -14.20 18.05
C PRO A 18 -7.79 -15.25 19.12
N LEU A 19 -6.56 -15.74 19.25
CA LEU A 19 -6.26 -16.70 20.30
C LEU A 19 -5.67 -16.07 21.55
N ALA A 20 -4.99 -14.95 21.40
CA ALA A 20 -4.33 -14.30 22.53
C ALA A 20 -3.74 -12.96 22.14
N GLY A 21 -3.49 -12.13 23.14
CA GLY A 21 -2.95 -10.82 22.91
C GLY A 21 -1.45 -10.77 22.77
N ASP A 22 -0.83 -11.94 22.69
CA ASP A 22 0.63 -12.04 22.53
C ASP A 22 1.04 -13.27 21.74
N VAL A 23 2.32 -13.33 21.41
CA VAL A 23 2.85 -14.39 20.57
C VAL A 23 2.82 -15.77 21.18
N GLU A 24 3.41 -15.93 22.35
CA GLU A 24 3.58 -17.23 22.95
C GLU A 24 2.29 -17.91 23.38
N TYR A 25 1.34 -17.16 23.90
CA TYR A 25 0.03 -17.70 24.24
C TYR A 25 -0.80 -18.01 23.00
N SER A 26 -0.57 -17.27 21.93
CA SER A 26 -1.28 -17.54 20.67
C SER A 26 -0.84 -18.90 20.15
N TRP A 27 0.47 -19.11 20.14
CA TRP A 27 1.11 -20.33 19.67
C TRP A 27 0.76 -21.54 20.52
N LYS A 28 0.81 -21.35 21.82
CA LYS A 28 0.46 -22.41 22.75
C LYS A 28 -0.93 -22.92 22.45
N ARG A 29 -1.86 -21.99 22.38
CA ARG A 29 -3.23 -22.31 22.15
C ARG A 29 -3.48 -22.88 20.76
N LEU A 30 -2.78 -22.36 19.78
CA LEU A 30 -2.88 -22.87 18.40
C LEU A 30 -2.57 -24.36 18.39
N LEU A 31 -1.46 -24.71 19.02
CA LEU A 31 -0.97 -26.10 19.02
C LEU A 31 -1.85 -27.01 19.87
N GLU A 32 -2.59 -26.42 20.81
CA GLU A 32 -3.52 -27.18 21.67
C GLU A 32 -4.84 -27.46 20.97
N GLY A 33 -4.98 -26.91 19.77
CA GLY A 33 -6.17 -27.15 18.96
C GLY A 33 -7.34 -26.22 19.24
N LYS A 34 -7.04 -25.14 19.93
CA LYS A 34 -8.06 -24.14 20.28
C LYS A 34 -8.48 -23.30 19.08
N SER A 35 -9.72 -22.82 19.13
CA SER A 35 -10.26 -21.94 18.09
C SER A 35 -10.56 -20.56 18.67
N GLY A 36 -10.34 -19.54 17.87
CA GLY A 36 -10.64 -18.17 18.26
C GLY A 36 -12.00 -17.74 17.79
N VAL A 37 -12.71 -18.64 17.13
CA VAL A 37 -13.99 -18.30 16.49
C VAL A 37 -15.19 -18.44 17.43
N ARG A 38 -16.01 -17.40 17.45
CA ARG A 38 -17.22 -17.36 18.27
C ARG A 38 -18.30 -16.45 17.73
N ARG A 39 -19.46 -16.56 18.35
CA ARG A 39 -20.58 -15.67 18.04
C ARG A 39 -20.24 -14.25 18.46
N ILE A 40 -20.56 -13.31 17.60
CA ILE A 40 -20.34 -11.89 17.89
C ILE A 40 -21.37 -11.40 18.88
N THR A 41 -20.88 -10.77 19.94
CA THR A 41 -21.73 -10.26 21.02
C THR A 41 -21.55 -8.76 21.25
N GLU A 42 -20.58 -8.16 20.56
CA GLU A 42 -20.22 -6.76 20.81
C GLU A 42 -21.22 -5.80 20.18
N PHE A 43 -21.89 -6.28 19.16
CA PHE A 43 -22.89 -5.47 18.45
C PHE A 43 -23.93 -6.36 17.79
N ASP A 44 -24.94 -5.73 17.21
CA ASP A 44 -26.09 -6.45 16.65
C ASP A 44 -25.72 -7.13 15.34
N VAL A 45 -25.94 -8.43 15.28
CA VAL A 45 -25.70 -9.20 14.06
C VAL A 45 -26.91 -10.06 13.71
N SER A 46 -28.01 -9.75 14.38
CA SER A 46 -29.24 -10.55 14.25
C SER A 46 -29.78 -10.50 12.83
N ASP A 47 -29.35 -9.49 12.09
CA ASP A 47 -29.86 -9.25 10.74
C ASP A 47 -28.85 -9.61 9.67
N LEU A 48 -27.75 -10.24 10.09
CA LEU A 48 -26.68 -10.64 9.18
C LEU A 48 -26.69 -12.16 8.97
N SER A 49 -26.28 -12.61 7.79
CA SER A 49 -26.26 -14.05 7.55
C SER A 49 -25.04 -14.68 8.23
N CYS A 50 -23.99 -13.89 8.43
CA CYS A 50 -22.83 -14.34 9.22
C CYS A 50 -22.78 -13.63 10.57
N GLN A 51 -22.80 -14.43 11.64
CA GLN A 51 -22.94 -13.93 13.01
C GLN A 51 -21.77 -14.33 13.90
N ILE A 52 -20.70 -14.75 13.25
CA ILE A 52 -19.51 -15.25 13.94
C ILE A 52 -18.25 -14.58 13.41
N ALA A 53 -17.24 -14.58 14.25
CA ALA A 53 -15.94 -14.04 13.91
C ALA A 53 -14.87 -14.56 14.85
N ALA A 54 -13.63 -14.42 14.41
CA ALA A 54 -12.46 -14.75 15.22
C ALA A 54 -11.99 -13.49 15.91
N ARG A 55 -12.28 -13.41 17.19
CA ARG A 55 -12.03 -12.21 17.97
C ARG A 55 -10.93 -12.27 19.02
N ILE A 56 -10.18 -11.20 19.12
CA ILE A 56 -9.14 -11.08 20.14
C ILE A 56 -9.79 -11.13 21.53
N PRO A 57 -9.26 -11.97 22.43
CA PRO A 57 -9.77 -12.01 23.81
C PRO A 57 -9.31 -10.82 24.61
N VAL A 58 -10.28 -10.01 24.98
CA VAL A 58 -10.07 -8.75 25.67
C VAL A 58 -10.03 -8.94 27.20
N GLY A 59 -9.19 -8.16 27.85
CA GLY A 59 -9.09 -8.21 29.32
C GLY A 59 -8.02 -7.30 29.90
N ASP A 60 -7.53 -7.71 31.07
CA ASP A 60 -6.56 -6.89 31.83
C ASP A 60 -5.12 -7.13 31.42
N GLY A 61 -4.93 -8.05 30.50
CA GLY A 61 -3.62 -8.40 30.04
C GLY A 61 -3.02 -9.65 30.64
N THR A 62 -3.67 -10.21 31.63
CA THR A 62 -3.25 -11.47 32.16
C THR A 62 -3.86 -12.64 31.43
N ASN A 63 -3.28 -13.81 31.65
CA ASN A 63 -3.76 -15.02 31.04
C ASN A 63 -3.96 -14.88 29.52
N GLY A 64 -3.11 -14.13 28.87
CA GLY A 64 -3.08 -14.08 27.42
C GLY A 64 -4.13 -13.19 26.81
N THR A 65 -4.73 -12.33 27.63
CA THR A 65 -5.72 -11.37 27.13
C THR A 65 -5.04 -10.11 26.63
N TYR A 66 -5.83 -9.29 25.96
CA TYR A 66 -5.35 -8.06 25.33
C TYR A 66 -5.96 -6.83 26.02
N ASN A 67 -5.11 -5.95 26.52
CA ASN A 67 -5.56 -4.68 27.10
C ASN A 67 -5.05 -3.49 26.32
N ALA A 68 -5.92 -2.95 25.47
CA ALA A 68 -5.56 -1.83 24.60
C ALA A 68 -4.90 -0.67 25.36
N ASP A 69 -5.34 -0.46 26.59
CA ASP A 69 -4.94 0.73 27.37
C ASP A 69 -3.46 0.72 27.68
N LEU A 70 -2.85 -0.44 27.59
CA LEU A 70 -1.43 -0.60 27.95
C LEU A 70 -0.54 -0.17 26.80
N HIS A 71 -1.15 0.01 25.64
CA HIS A 71 -0.40 0.30 24.41
C HIS A 71 -0.66 1.70 23.89
N MET A 72 -1.84 2.21 24.26
CA MET A 72 -2.26 3.54 23.86
C MET A 72 -3.27 4.05 24.88
N GLU A 73 -3.06 5.26 25.35
CA GLU A 73 -4.01 5.95 26.25
C GLU A 73 -5.42 5.92 25.68
N SER A 74 -6.39 5.77 26.58
CA SER A 74 -7.80 5.75 26.19
C SER A 74 -8.17 6.90 25.27
N LYS A 75 -7.74 8.09 25.64
CA LYS A 75 -8.17 9.28 24.94
C LYS A 75 -7.60 9.27 23.54
N GLU A 76 -6.41 8.66 23.41
CA GLU A 76 -5.75 8.56 22.10
C GLU A 76 -6.41 7.51 21.23
N GLN A 77 -6.84 6.42 21.82
CA GLN A 77 -7.56 5.39 21.12
C GLN A 77 -8.80 5.93 20.43
N ARG A 78 -9.44 6.91 21.03
CA ARG A 78 -10.64 7.50 20.49
C ARG A 78 -10.42 8.32 19.20
N LYS A 79 -9.18 8.61 18.91
CA LYS A 79 -8.78 9.32 17.71
C LYS A 79 -8.41 8.44 16.53
N VAL A 80 -8.42 7.14 16.71
CA VAL A 80 -8.00 6.21 15.68
C VAL A 80 -8.90 5.00 15.55
N ASP A 81 -8.89 4.40 14.37
CA ASP A 81 -9.55 3.11 14.18
C ASP A 81 -8.67 2.02 14.79
N ALA A 82 -9.31 0.92 15.16
CA ALA A 82 -8.65 -0.13 15.96
C ALA A 82 -7.41 -0.73 15.28
N PHE A 83 -7.38 -0.71 13.95
CA PHE A 83 -6.25 -1.34 13.24
C PHE A 83 -4.94 -0.68 13.63
N ILE A 84 -5.02 0.61 13.95
CA ILE A 84 -3.83 1.34 14.35
C ILE A 84 -3.35 0.87 15.73
N VAL A 85 -4.28 0.73 16.65
CA VAL A 85 -4.00 0.24 17.98
C VAL A 85 -3.37 -1.15 18.00
N TYR A 86 -3.97 -2.08 17.27
CA TYR A 86 -3.45 -3.41 17.15
C TYR A 86 -1.99 -3.39 16.67
N ALA A 87 -1.69 -2.54 15.71
CA ALA A 87 -0.34 -2.42 15.13
C ALA A 87 0.64 -1.91 16.18
N ILE A 88 0.19 -0.94 16.97
CA ILE A 88 1.03 -0.39 18.02
C ILE A 88 1.37 -1.49 19.02
N ALA A 89 0.36 -2.24 19.43
CA ALA A 89 0.52 -3.32 20.40
C ALA A 89 1.49 -4.41 19.90
N ALA A 90 1.36 -4.80 18.64
CA ALA A 90 2.21 -5.86 18.09
C ALA A 90 3.63 -5.36 17.95
N ALA A 91 3.76 -4.09 17.63
CA ALA A 91 5.07 -3.49 17.52
C ALA A 91 5.78 -3.43 18.89
N ASP A 92 5.05 -3.01 19.91
CA ASP A 92 5.52 -2.99 21.28
C ASP A 92 6.15 -4.34 21.61
N GLN A 93 5.47 -5.41 21.26
CA GLN A 93 5.95 -6.75 21.50
C GLN A 93 7.21 -7.09 20.75
N ALA A 94 7.19 -6.82 19.46
CA ALA A 94 8.27 -7.11 18.56
C ALA A 94 9.59 -6.49 18.93
N LEU A 95 9.56 -5.20 19.20
CA LEU A 95 10.70 -4.43 19.59
C LEU A 95 11.27 -4.98 20.91
N ALA A 96 10.40 -5.26 21.84
CA ALA A 96 10.81 -5.81 23.12
C ALA A 96 11.47 -7.17 22.92
N ASP A 97 10.88 -7.97 22.04
CA ASP A 97 11.39 -9.32 21.75
C ASP A 97 12.77 -9.28 21.12
N ALA A 98 12.98 -8.24 20.31
CA ALA A 98 14.26 -8.06 19.60
C ALA A 98 15.24 -7.30 20.46
N GLU A 99 14.74 -6.77 21.56
CA GLU A 99 15.52 -5.88 22.41
C GLU A 99 16.15 -4.76 21.57
N TRP A 100 15.31 -4.11 20.79
CA TRP A 100 15.74 -3.02 19.91
C TRP A 100 14.93 -1.76 20.17
N PHE A 101 15.52 -0.83 20.90
CA PHE A 101 14.87 0.45 21.15
C PHE A 101 15.84 1.56 20.79
N PRO A 102 15.88 1.94 19.51
CA PRO A 102 16.92 2.84 19.03
C PRO A 102 16.79 4.21 19.65
N LYS A 103 17.92 4.73 20.10
CA LYS A 103 17.97 6.04 20.76
C LYS A 103 18.83 7.01 19.97
N SER A 104 19.98 6.54 19.52
CA SER A 104 20.93 7.40 18.79
C SER A 104 20.39 7.72 17.42
N ASP A 105 20.88 8.81 16.84
CA ASP A 105 20.55 9.16 15.50
C ASP A 105 20.84 8.02 14.53
N GLU A 106 22.03 7.46 14.59
CA GLU A 106 22.41 6.36 13.75
C GLU A 106 21.40 5.21 13.82
N ASP A 107 21.07 4.78 15.02
CA ASP A 107 20.13 3.68 15.21
C ASP A 107 18.71 4.00 14.78
N GLN A 108 18.26 5.20 15.00
CA GLN A 108 16.89 5.58 14.63
C GLN A 108 16.75 5.72 13.13
N ILE A 109 17.78 6.27 12.51
CA ILE A 109 17.77 6.52 11.06
C ILE A 109 17.79 5.23 10.25
N CYS A 110 18.39 4.18 10.79
CA CYS A 110 18.49 2.92 10.06
C CYS A 110 17.40 1.91 10.41
N THR A 111 16.42 2.35 11.20
CA THR A 111 15.26 1.53 11.57
C THR A 111 13.99 2.11 10.96
N GLY A 112 13.35 1.32 10.10
CA GLY A 112 12.11 1.76 9.42
C GLY A 112 10.88 0.96 9.83
N VAL A 113 9.77 1.28 9.19
CA VAL A 113 8.51 0.61 9.51
C VAL A 113 7.68 0.45 8.25
N LEU A 114 7.21 -0.77 8.03
CA LEU A 114 6.37 -1.08 6.88
C LEU A 114 5.22 -1.98 7.32
N ILE A 115 4.09 -1.34 7.59
CA ILE A 115 2.90 -2.03 8.06
C ILE A 115 1.76 -1.75 7.12
N GLY A 116 1.09 -2.80 6.68
CA GLY A 116 -0.03 -2.67 5.77
C GLY A 116 -1.34 -3.06 6.39
N SER A 117 -2.41 -2.75 5.67
CA SER A 117 -3.75 -3.18 6.04
C SER A 117 -4.55 -3.33 4.75
N GLY A 118 -5.51 -4.24 4.75
CA GLY A 118 -6.29 -4.50 3.55
C GLY A 118 -7.37 -3.45 3.37
N ILE A 119 -7.96 -3.11 4.50
CA ILE A 119 -9.15 -2.27 4.51
C ILE A 119 -9.03 -0.99 5.34
N GLY A 120 -8.23 -1.03 6.38
CA GLY A 120 -8.00 0.16 7.18
C GLY A 120 -9.20 0.63 7.97
N GLY A 121 -9.48 1.92 7.84
CA GLY A 121 -10.40 2.63 8.74
C GLY A 121 -11.85 2.70 8.24
N ILE A 122 -12.34 1.60 7.74
CA ILE A 122 -13.69 1.49 7.23
C ILE A 122 -14.77 1.85 8.25
N GLU A 123 -14.68 1.31 9.44
CA GLU A 123 -15.62 1.66 10.50
C GLU A 123 -15.70 3.16 10.81
N GLY A 124 -14.55 3.80 10.92
CA GLY A 124 -14.45 5.20 11.22
C GLY A 124 -14.95 6.06 10.10
N ILE A 125 -14.78 5.61 8.87
CA ILE A 125 -15.29 6.34 7.77
C ILE A 125 -16.82 6.36 7.80
N VAL A 126 -17.43 5.25 8.08
CA VAL A 126 -18.89 5.12 8.11
C VAL A 126 -19.44 6.02 9.23
N GLU A 127 -18.80 5.97 10.39
CA GLU A 127 -19.26 6.76 11.54
C GLU A 127 -19.14 8.26 11.27
N ALA A 128 -18.08 8.65 10.58
CA ALA A 128 -17.88 10.07 10.22
C ALA A 128 -18.93 10.52 9.21
N GLY A 129 -19.28 9.60 8.32
CA GLY A 129 -20.30 9.85 7.33
C GLY A 129 -21.62 10.20 7.98
N TYR A 130 -21.92 9.51 9.07
CA TYR A 130 -23.17 9.75 9.82
C TYR A 130 -23.12 11.11 10.49
N THR A 131 -21.98 11.41 11.10
CA THR A 131 -21.76 12.72 11.72
C THR A 131 -21.99 13.84 10.71
N LEU A 132 -21.42 13.64 9.52
CA LEU A 132 -21.47 14.66 8.48
C LEU A 132 -22.90 14.92 8.09
N ARG A 133 -23.66 13.84 7.97
CA ARG A 133 -25.04 13.94 7.52
C ARG A 133 -25.94 14.48 8.62
N ASP A 134 -25.70 14.01 9.83
CA ASP A 134 -26.61 14.27 10.94
C ASP A 134 -26.30 15.60 11.64
N LYS A 135 -25.01 15.92 11.72
CA LYS A 135 -24.55 17.07 12.49
C LYS A 135 -23.83 18.13 11.68
N GLY A 136 -23.41 17.77 10.49
CA GLY A 136 -22.71 18.71 9.63
C GLY A 136 -21.20 18.72 9.75
N PRO A 137 -20.53 19.44 8.86
CA PRO A 137 -19.08 19.41 8.72
C PRO A 137 -18.31 19.99 9.92
N ARG A 138 -18.96 20.85 10.68
CA ARG A 138 -18.25 21.51 11.79
C ARG A 138 -18.07 20.54 12.94
N ARG A 139 -18.70 19.37 12.84
CA ARG A 139 -18.59 18.37 13.91
C ARG A 139 -17.64 17.24 13.54
N ILE A 140 -17.03 17.34 12.36
CA ILE A 140 -16.04 16.34 11.95
C ILE A 140 -14.75 16.56 12.72
N SER A 141 -14.18 15.48 13.25
CA SER A 141 -12.97 15.58 14.07
C SER A 141 -11.73 16.00 13.28
N PRO A 142 -10.89 16.85 13.88
CA PRO A 142 -9.59 17.14 13.27
C PRO A 142 -8.77 15.89 13.05
N PHE A 143 -9.14 14.81 13.74
CA PHE A 143 -8.37 13.55 13.65
C PHE A 143 -8.98 12.54 12.70
N PHE A 144 -10.06 12.93 12.02
CA PHE A 144 -10.75 12.00 11.10
C PHE A 144 -9.76 11.41 10.10
N ILE A 145 -9.08 12.27 9.37
CA ILE A 145 -8.21 11.81 8.31
C ILE A 145 -7.04 10.94 8.82
N PRO A 146 -6.19 11.43 9.71
CA PRO A 146 -5.08 10.60 10.13
C PRO A 146 -5.47 9.29 10.79
N GLY A 147 -6.48 9.26 11.63
CA GLY A 147 -6.97 8.06 12.24
C GLY A 147 -7.57 6.99 11.32
N ARG A 148 -7.71 7.32 10.05
CA ARG A 148 -8.31 6.48 9.06
C ARG A 148 -7.38 6.07 7.89
N LEU A 149 -6.29 6.76 7.66
CA LEU A 149 -5.41 6.42 6.58
C LEU A 149 -4.60 5.15 6.91
N ILE A 150 -4.52 4.25 5.94
CA ILE A 150 -3.85 3.00 6.18
C ILE A 150 -2.41 3.20 6.63
N ASN A 151 -1.70 4.14 6.05
CA ASN A 151 -0.30 4.39 6.39
C ASN A 151 -0.02 5.00 7.73
N LEU A 152 -1.07 5.44 8.42
CA LEU A 152 -0.94 5.93 9.74
C LEU A 152 -0.66 4.90 10.83
N ALA A 153 -0.74 3.63 10.46
CA ALA A 153 -0.26 2.57 11.36
C ALA A 153 1.26 2.65 11.40
N SER A 154 1.88 2.71 10.22
CA SER A 154 3.33 2.92 10.15
C SER A 154 3.70 4.24 10.82
N GLY A 155 2.88 5.26 10.57
CA GLY A 155 3.14 6.59 11.09
C GLY A 155 3.11 6.65 12.61
N TYR A 156 2.05 6.11 13.19
CA TYR A 156 1.92 6.09 14.65
C TYR A 156 3.05 5.30 15.33
N VAL A 157 3.39 4.15 14.75
CA VAL A 157 4.46 3.29 15.29
C VAL A 157 5.79 4.02 15.23
N SER A 158 6.04 4.65 14.09
CA SER A 158 7.27 5.38 13.84
C SER A 158 7.45 6.48 14.87
N ILE A 159 6.36 7.17 15.14
CA ILE A 159 6.41 8.32 16.05
C ILE A 159 6.66 7.82 17.48
N LYS A 160 5.98 6.75 17.86
CA LYS A 160 6.10 6.26 19.23
C LYS A 160 7.52 5.83 19.55
N TYR A 161 8.24 5.30 18.56
CA TYR A 161 9.55 4.70 18.83
C TYR A 161 10.74 5.43 18.20
N GLY A 162 10.45 6.52 17.51
CA GLY A 162 11.49 7.36 16.90
C GLY A 162 12.17 6.66 15.75
N LEU A 163 11.40 5.92 14.99
CA LEU A 163 11.89 5.12 13.85
C LEU A 163 11.90 5.99 12.62
N ARG A 164 13.10 6.31 12.14
CA ARG A 164 13.28 7.37 11.14
C ARG A 164 13.79 6.84 9.81
N GLY A 165 13.84 5.53 9.71
CA GLY A 165 14.16 4.86 8.44
C GLY A 165 12.96 4.86 7.50
N PRO A 166 13.04 4.11 6.42
CA PRO A 166 11.94 4.05 5.48
C PRO A 166 10.60 3.86 6.14
N ASN A 167 9.69 4.76 5.87
CA ASN A 167 8.34 4.70 6.42
C ASN A 167 7.37 4.49 5.25
N HIS A 168 6.74 3.33 5.21
CA HIS A 168 6.08 2.86 4.01
C HIS A 168 4.91 1.98 4.35
N SER A 169 4.02 1.74 3.41
CA SER A 169 2.84 0.93 3.62
C SER A 169 2.30 0.28 2.35
N VAL A 170 1.73 -0.89 2.50
CA VAL A 170 1.16 -1.61 1.37
C VAL A 170 -0.29 -2.01 1.63
N VAL A 171 -1.01 -2.26 0.55
CA VAL A 171 -2.41 -2.65 0.65
C VAL A 171 -2.73 -3.63 -0.46
N THR A 172 -2.88 -4.90 -0.10
CA THR A 172 -3.11 -5.93 -1.12
C THR A 172 -4.03 -7.04 -0.60
N ALA A 173 -5.06 -6.61 0.12
CA ALA A 173 -6.03 -7.53 0.68
C ALA A 173 -5.33 -8.65 1.45
N CYS A 174 -5.66 -9.89 1.10
CA CYS A 174 -5.21 -11.06 1.84
C CYS A 174 -3.69 -11.26 1.81
N SER A 175 -3.01 -10.61 0.88
CA SER A 175 -1.58 -10.85 0.77
C SER A 175 -0.81 -9.68 1.34
N THR A 176 -1.53 -8.79 2.00
CA THR A 176 -0.94 -7.55 2.50
C THR A 176 0.29 -7.83 3.37
N GLY A 177 0.10 -8.70 4.36
CA GLY A 177 1.11 -8.93 5.41
C GLY A 177 2.37 -9.57 4.87
N ALA A 178 2.17 -10.35 3.82
CA ALA A 178 3.24 -11.06 3.13
C ALA A 178 4.07 -10.12 2.27
N HIS A 179 3.39 -9.29 1.50
CA HIS A 179 4.04 -8.23 0.75
C HIS A 179 4.83 -7.32 1.68
N ALA A 180 4.26 -7.01 2.83
CA ALA A 180 4.89 -6.10 3.79
C ALA A 180 6.26 -6.65 4.20
N ILE A 181 6.24 -7.92 4.56
CA ILE A 181 7.47 -8.59 5.04
C ILE A 181 8.50 -8.71 3.92
N GLY A 182 8.05 -9.13 2.74
CA GLY A 182 8.94 -9.27 1.59
C GLY A 182 9.57 -7.97 1.15
N ASP A 183 8.74 -6.92 1.11
CA ASP A 183 9.19 -5.58 0.71
C ASP A 183 10.18 -5.03 1.74
N ALA A 184 9.89 -5.25 3.00
CA ALA A 184 10.74 -4.72 4.08
C ALA A 184 12.10 -5.40 4.04
N ALA A 185 12.07 -6.70 3.78
CA ALA A 185 13.31 -7.49 3.67
C ALA A 185 14.17 -6.97 2.52
N ARG A 186 13.54 -6.54 1.44
CA ARG A 186 14.28 -6.03 0.27
C ARG A 186 14.92 -4.70 0.58
N LEU A 187 14.21 -3.87 1.34
CA LEU A 187 14.76 -2.58 1.78
C LEU A 187 16.06 -2.80 2.53
N ILE A 188 16.07 -3.81 3.38
CA ILE A 188 17.27 -4.14 4.17
C ILE A 188 18.37 -4.72 3.27
N ALA A 189 17.97 -5.63 2.39
CA ALA A 189 18.93 -6.31 1.52
C ALA A 189 19.65 -5.31 0.60
N LEU A 190 18.92 -4.26 0.24
CA LEU A 190 19.38 -3.24 -0.72
C LEU A 190 20.15 -2.15 -0.01
N GLY A 191 20.07 -2.15 1.29
CA GLY A 191 20.81 -1.20 2.06
C GLY A 191 20.12 0.08 2.46
N ASP A 192 18.82 0.15 2.31
CA ASP A 192 18.07 1.30 2.70
C ASP A 192 17.74 1.41 4.20
N ALA A 193 17.96 0.33 4.91
CA ALA A 193 17.69 0.18 6.33
C ALA A 193 18.50 -1.01 6.86
N ASP A 194 18.78 -1.01 8.14
CA ASP A 194 19.41 -2.17 8.79
C ASP A 194 18.43 -2.96 9.62
N VAL A 195 17.36 -2.28 10.03
CA VAL A 195 16.28 -2.88 10.80
C VAL A 195 14.93 -2.36 10.29
N MET A 196 13.97 -3.26 10.16
CA MET A 196 12.59 -2.90 9.81
C MET A 196 11.57 -3.62 10.66
N LEU A 197 10.57 -2.88 11.13
CA LEU A 197 9.36 -3.50 11.65
C LEU A 197 8.47 -3.71 10.44
N ALA A 198 7.90 -4.91 10.32
CA ALA A 198 7.09 -5.23 9.14
C ALA A 198 5.95 -6.17 9.46
N GLY A 199 4.83 -5.92 8.81
CA GLY A 199 3.69 -6.78 8.98
C GLY A 199 2.38 -6.15 8.53
N GLY A 200 1.32 -6.60 9.16
CA GLY A 200 -0.03 -6.20 8.79
C GLY A 200 -0.97 -6.12 9.96
N THR A 201 -2.02 -5.35 9.74
CA THR A 201 -3.03 -5.12 10.77
C THR A 201 -4.43 -4.97 10.14
N GLU A 202 -5.44 -5.45 10.86
CA GLU A 202 -6.81 -5.34 10.37
C GLU A 202 -7.80 -5.31 11.54
N SER A 203 -8.82 -4.46 11.39
CA SER A 203 -9.94 -4.43 12.32
C SER A 203 -11.27 -4.41 11.54
N PRO A 204 -11.62 -5.54 10.91
CA PRO A 204 -12.75 -5.60 10.00
C PRO A 204 -14.01 -6.17 10.63
N ILE A 205 -13.96 -6.43 11.92
CA ILE A 205 -15.14 -7.00 12.59
C ILE A 205 -16.09 -5.88 13.01
N ASN A 206 -16.88 -5.49 12.04
CA ASN A 206 -17.90 -4.46 12.21
C ASN A 206 -19.03 -4.69 11.20
N ARG A 207 -20.15 -4.00 11.40
CA ARG A 207 -21.36 -4.28 10.62
C ARG A 207 -21.16 -4.00 9.14
N ILE A 208 -20.51 -2.91 8.82
CA ILE A 208 -20.32 -2.53 7.42
C ILE A 208 -19.50 -3.58 6.66
N SER A 209 -18.44 -4.05 7.29
CA SER A 209 -17.54 -5.04 6.68
C SER A 209 -18.20 -6.39 6.55
N LEU A 210 -18.93 -6.78 7.57
CA LEU A 210 -19.62 -8.07 7.58
C LEU A 210 -20.71 -8.11 6.50
N ALA A 211 -21.44 -7.00 6.36
CA ALA A 211 -22.50 -6.90 5.35
C ALA A 211 -21.88 -6.93 3.98
N GLY A 212 -20.73 -6.29 3.87
CA GLY A 212 -20.02 -6.19 2.59
C GLY A 212 -19.55 -7.54 2.09
N PHE A 213 -18.87 -8.28 2.97
CA PHE A 213 -18.37 -9.61 2.60
C PHE A 213 -19.51 -10.62 2.47
N SER A 214 -20.56 -10.43 3.24
CA SER A 214 -21.76 -11.27 3.10
C SER A 214 -22.42 -11.01 1.76
N ALA A 215 -22.36 -9.76 1.33
CA ALA A 215 -23.00 -9.37 0.07
C ALA A 215 -22.33 -10.03 -1.12
N CYS A 216 -21.01 -10.20 -1.09
CA CYS A 216 -20.36 -10.90 -2.19
C CYS A 216 -20.24 -12.38 -1.89
N ARG A 217 -20.96 -12.81 -0.86
CA ARG A 217 -21.12 -14.22 -0.52
C ARG A 217 -19.78 -14.89 -0.19
N ALA A 218 -18.94 -14.17 0.54
CA ALA A 218 -17.59 -14.66 0.84
C ALA A 218 -17.48 -15.39 2.17
N LEU A 219 -18.47 -15.19 3.02
CA LEU A 219 -18.43 -15.67 4.42
C LEU A 219 -19.23 -16.95 4.68
N SER A 220 -18.73 -17.72 5.64
CA SER A 220 -19.45 -18.89 6.17
C SER A 220 -20.76 -18.44 6.79
N THR A 221 -21.84 -19.18 6.51
CA THR A 221 -23.16 -18.80 7.04
C THR A 221 -23.96 -19.93 7.70
N CYS A 222 -23.49 -21.16 7.58
CA CYS A 222 -24.30 -22.31 7.96
C CYS A 222 -23.96 -22.86 9.34
N ARG A 223 -23.01 -22.22 10.01
CA ARG A 223 -22.57 -22.71 11.31
C ARG A 223 -22.51 -21.63 12.39
N ASN A 224 -23.47 -20.72 12.34
CA ASN A 224 -23.57 -19.64 13.34
C ASN A 224 -23.80 -20.19 14.74
N ASP A 225 -24.31 -21.39 14.83
CA ASP A 225 -24.56 -22.01 16.12
C ASP A 225 -23.54 -23.07 16.46
N ASP A 226 -22.54 -23.22 15.62
CA ASP A 226 -21.41 -24.07 15.89
C ASP A 226 -20.11 -23.41 15.42
N PRO A 227 -19.80 -22.27 16.00
CA PRO A 227 -18.74 -21.45 15.47
C PRO A 227 -17.39 -22.09 15.34
N GLU A 228 -17.00 -22.93 16.27
CA GLU A 228 -15.67 -23.51 16.24
C GLU A 228 -15.47 -24.50 15.11
N ARG A 229 -16.55 -24.84 14.44
CA ARG A 229 -16.52 -25.80 13.33
C ARG A 229 -16.66 -25.14 11.95
N ALA A 230 -16.87 -23.83 11.94
CA ALA A 230 -17.20 -23.11 10.70
C ALA A 230 -16.04 -23.08 9.72
N SER A 231 -14.87 -22.70 10.21
CA SER A 231 -13.67 -22.64 9.41
C SER A 231 -13.04 -23.99 9.23
N ARG A 232 -13.13 -24.51 8.02
CA ARG A 232 -12.72 -25.84 7.71
C ARG A 232 -12.03 -26.02 6.37
N PRO A 233 -10.87 -25.42 6.20
CA PRO A 233 -10.15 -25.55 4.96
C PRO A 233 -10.05 -27.01 4.45
N TYR A 234 -10.23 -27.19 3.16
CA TYR A 234 -10.17 -28.47 2.48
C TYR A 234 -11.33 -29.43 2.70
N ASP A 235 -12.14 -29.16 3.70
CA ASP A 235 -13.27 -30.03 4.06
C ASP A 235 -14.40 -29.90 3.08
N VAL A 236 -15.06 -31.02 2.83
CA VAL A 236 -16.13 -31.05 1.85
C VAL A 236 -17.28 -30.15 2.21
N ASP A 237 -17.39 -29.82 3.49
CA ASP A 237 -18.55 -29.05 4.00
C ASP A 237 -18.26 -27.58 4.25
N ARG A 238 -17.11 -27.10 3.79
CA ARG A 238 -16.77 -25.71 3.96
C ARG A 238 -17.73 -24.86 3.16
N ASP A 239 -17.97 -23.65 3.63
CA ASP A 239 -18.91 -22.73 3.02
C ASP A 239 -18.52 -21.26 3.09
N GLY A 240 -17.24 -20.97 3.14
CA GLY A 240 -16.79 -19.61 3.14
C GLY A 240 -15.90 -19.28 4.32
N PHE A 241 -15.23 -18.14 4.29
CA PHE A 241 -14.32 -17.82 5.39
C PHE A 241 -14.98 -17.17 6.58
N VAL A 242 -14.23 -17.21 7.68
CA VAL A 242 -14.59 -16.57 8.93
C VAL A 242 -13.61 -15.42 9.12
N MET A 243 -14.17 -14.24 9.23
CA MET A 243 -13.38 -13.02 9.37
C MET A 243 -12.74 -12.96 10.76
N GLY A 244 -11.46 -12.60 10.78
CA GLY A 244 -10.71 -12.43 12.01
C GLY A 244 -10.20 -11.01 12.18
N GLU A 245 -9.45 -10.77 13.25
CA GLU A 245 -8.89 -9.44 13.50
C GLU A 245 -7.53 -9.57 14.18
N GLY A 246 -6.73 -8.51 14.09
CA GLY A 246 -5.48 -8.46 14.82
C GLY A 246 -4.35 -7.80 14.06
N ALA A 247 -3.15 -8.02 14.57
CA ALA A 247 -1.95 -7.48 13.97
C ALA A 247 -0.79 -8.41 14.25
N ALA A 248 0.09 -8.50 13.27
CA ALA A 248 1.29 -9.32 13.35
C ALA A 248 2.45 -8.53 12.82
N ILE A 249 3.48 -8.41 13.64
CA ILE A 249 4.68 -7.62 13.30
C ILE A 249 5.92 -8.46 13.58
N VAL A 250 6.88 -8.40 12.67
CA VAL A 250 8.20 -8.98 12.92
C VAL A 250 9.27 -7.89 12.83
N VAL A 251 10.35 -8.09 13.54
CA VAL A 251 11.52 -7.29 13.40
C VAL A 251 12.51 -8.01 12.48
N LEU A 252 12.76 -7.38 11.35
CA LEU A 252 13.71 -7.82 10.37
C LEU A 252 14.99 -7.02 10.53
N GLU A 253 16.11 -7.65 10.29
CA GLU A 253 17.41 -7.11 10.59
C GLU A 253 18.52 -7.69 9.69
N GLU A 254 19.44 -6.86 9.27
CA GLU A 254 20.56 -7.31 8.47
C GLU A 254 21.41 -8.23 9.34
N LEU A 255 21.93 -9.26 8.73
CA LEU A 255 22.57 -10.35 9.48
C LEU A 255 23.74 -9.88 10.33
N GLU A 256 24.65 -9.14 9.73
CA GLU A 256 25.87 -8.76 10.47
C GLU A 256 25.50 -7.82 11.62
N HIS A 257 24.50 -6.98 11.39
CA HIS A 257 23.99 -6.06 12.42
C HIS A 257 23.49 -6.88 13.62
N ALA A 258 22.78 -7.95 13.32
CA ALA A 258 22.19 -8.81 14.35
C ALA A 258 23.30 -9.53 15.11
N LYS A 259 24.20 -10.13 14.37
CA LYS A 259 25.31 -10.85 14.93
C LYS A 259 26.16 -9.97 15.83
N LYS A 260 26.48 -8.80 15.35
CA LYS A 260 27.28 -7.85 16.07
C LYS A 260 26.76 -7.52 17.45
N ARG A 261 25.45 -7.42 17.60
CA ARG A 261 24.87 -7.01 18.84
C ARG A 261 24.38 -8.19 19.64
N GLY A 262 24.66 -9.37 19.15
CA GLY A 262 24.26 -10.57 19.83
C GLY A 262 22.78 -10.87 19.88
N ALA A 263 22.06 -10.44 18.87
CA ALA A 263 20.64 -10.72 18.81
C ALA A 263 20.37 -12.20 18.59
N ARG A 264 19.30 -12.67 19.18
CA ARG A 264 18.78 -13.97 18.93
C ARG A 264 18.02 -13.96 17.60
N ILE A 265 18.41 -14.85 16.72
CA ILE A 265 17.85 -15.00 15.40
C ILE A 265 16.87 -16.17 15.36
N TYR A 266 15.65 -15.94 14.95
CA TYR A 266 14.66 -16.98 14.86
C TYR A 266 14.79 -17.77 13.55
N ALA A 267 15.07 -17.06 12.48
CA ALA A 267 15.05 -17.60 11.12
C ALA A 267 15.54 -16.56 10.13
N GLU A 268 15.80 -17.03 8.91
CA GLU A 268 16.26 -16.16 7.84
C GLU A 268 15.21 -16.11 6.74
N ILE A 269 14.96 -14.94 6.20
CA ILE A 269 14.07 -14.84 5.05
C ILE A 269 14.91 -14.86 3.78
N ILE A 270 14.64 -15.83 2.92
CA ILE A 270 15.52 -16.08 1.77
C ILE A 270 14.83 -16.01 0.41
N GLY A 271 13.52 -15.97 0.43
CA GLY A 271 12.74 -15.92 -0.80
C GLY A 271 11.43 -15.17 -0.71
N TYR A 272 11.11 -14.49 -1.81
CA TYR A 272 9.90 -13.69 -1.97
C TYR A 272 9.48 -13.71 -3.43
N GLY A 273 8.25 -14.10 -3.68
CA GLY A 273 7.73 -14.21 -5.04
C GLY A 273 6.39 -13.52 -5.18
N LEU A 274 6.20 -12.84 -6.31
CA LEU A 274 4.97 -12.10 -6.61
C LEU A 274 4.40 -12.49 -7.97
N SER A 275 3.08 -12.54 -8.04
CA SER A 275 2.42 -12.69 -9.33
C SER A 275 1.01 -12.12 -9.33
N GLY A 276 0.40 -12.13 -10.49
CA GLY A 276 -0.98 -11.70 -10.69
C GLY A 276 -1.80 -12.67 -11.53
N ASP A 277 -3.06 -12.85 -11.16
CA ASP A 277 -3.97 -13.80 -11.87
C ASP A 277 -4.50 -13.20 -13.17
N ALA A 278 -4.79 -11.91 -13.13
CA ALA A 278 -5.40 -11.20 -14.26
C ALA A 278 -6.68 -11.89 -14.70
N TYR A 279 -7.44 -12.36 -13.73
CA TYR A 279 -8.59 -13.21 -14.00
C TYR A 279 -9.93 -12.60 -13.58
N HIS A 280 -10.06 -12.31 -12.30
CA HIS A 280 -11.35 -11.87 -11.75
C HIS A 280 -11.15 -11.06 -10.49
N ILE A 281 -12.07 -10.13 -10.23
CA ILE A 281 -11.93 -9.18 -9.11
C ILE A 281 -12.01 -9.83 -7.71
N THR A 282 -12.73 -10.94 -7.59
CA THR A 282 -12.81 -11.66 -6.31
C THR A 282 -12.57 -13.18 -6.34
N ALA A 283 -12.89 -13.80 -7.48
CA ALA A 283 -12.65 -15.23 -7.70
C ALA A 283 -11.20 -15.50 -8.11
N PRO A 284 -10.59 -16.56 -7.58
CA PRO A 284 -9.24 -16.88 -7.99
C PRO A 284 -9.29 -17.63 -9.28
N SER A 285 -8.16 -17.68 -9.94
CA SER A 285 -8.01 -18.30 -11.21
C SER A 285 -8.33 -19.76 -11.12
N GLU A 286 -9.11 -20.25 -12.03
CA GLU A 286 -9.45 -21.65 -11.99
C GLU A 286 -8.29 -22.60 -12.20
N SER A 287 -7.25 -22.13 -12.83
CA SER A 287 -6.08 -22.93 -13.18
C SER A 287 -5.01 -22.95 -12.09
N GLY A 288 -5.13 -22.09 -11.10
CA GLY A 288 -4.08 -21.97 -10.12
C GLY A 288 -2.72 -21.55 -10.64
N GLU A 289 -2.63 -21.12 -11.89
CA GLU A 289 -1.37 -20.74 -12.50
C GLU A 289 -0.60 -19.59 -11.87
N GLY A 290 -1.31 -18.56 -11.46
CA GLY A 290 -0.74 -17.47 -10.69
C GLY A 290 -0.13 -17.93 -9.38
N ALA A 291 -0.88 -18.68 -8.60
CA ALA A 291 -0.38 -19.27 -7.38
C ALA A 291 0.92 -20.04 -7.61
N GLN A 292 0.93 -20.84 -8.66
CA GLN A 292 2.08 -21.65 -8.97
C GLN A 292 3.29 -20.78 -9.27
N ARG A 293 3.07 -19.70 -9.99
CA ARG A 293 4.20 -18.84 -10.41
C ARG A 293 4.79 -18.09 -9.22
N SER A 294 3.91 -17.75 -8.30
CA SER A 294 4.28 -17.07 -7.06
C SER A 294 5.25 -17.94 -6.25
N MET A 295 4.83 -19.18 -6.08
CA MET A 295 5.62 -20.16 -5.33
C MET A 295 6.96 -20.43 -5.99
N MET A 296 6.94 -20.68 -7.30
CA MET A 296 8.17 -20.98 -8.03
C MET A 296 9.14 -19.81 -7.97
N ALA A 297 8.58 -18.61 -8.08
CA ALA A 297 9.40 -17.40 -8.02
C ALA A 297 10.09 -17.30 -6.68
N ALA A 298 9.35 -17.57 -5.60
CA ALA A 298 9.90 -17.45 -4.25
C ALA A 298 11.02 -18.47 -4.04
N LEU A 299 10.77 -19.68 -4.51
CA LEU A 299 11.72 -20.78 -4.34
C LEU A 299 13.00 -20.51 -5.13
N LYS A 300 12.85 -19.89 -6.28
CA LYS A 300 13.98 -19.63 -7.18
C LYS A 300 14.85 -18.54 -6.58
N ARG A 301 14.20 -17.53 -6.03
CA ARG A 301 14.92 -16.43 -5.37
C ARG A 301 15.69 -17.00 -4.20
N ALA A 302 15.09 -17.98 -3.53
CA ALA A 302 15.66 -18.56 -2.31
C ALA A 302 16.73 -19.58 -2.65
N GLN A 303 16.78 -19.98 -3.91
CA GLN A 303 17.67 -21.06 -4.38
C GLN A 303 17.40 -22.33 -3.59
N VAL A 304 16.13 -22.63 -3.45
CA VAL A 304 15.67 -23.78 -2.71
C VAL A 304 14.97 -24.71 -3.67
N ASN A 305 15.37 -25.97 -3.66
CA ASN A 305 14.69 -26.98 -4.46
C ASN A 305 13.52 -27.51 -3.64
N VAL A 306 12.46 -27.92 -4.32
CA VAL A 306 11.28 -28.46 -3.60
C VAL A 306 11.66 -29.69 -2.78
N SER A 307 12.78 -30.29 -3.16
CA SER A 307 13.32 -31.46 -2.44
C SER A 307 13.72 -31.09 -1.01
N GLU A 308 13.82 -29.80 -0.75
CA GLU A 308 14.28 -29.29 0.55
C GLU A 308 13.16 -28.78 1.45
N LEU A 309 11.95 -28.71 0.90
CA LEU A 309 10.81 -28.13 1.63
C LEU A 309 10.25 -29.08 2.67
N ASP A 310 9.93 -28.51 3.83
CA ASP A 310 9.39 -29.28 4.96
C ASP A 310 7.95 -28.95 5.30
N TYR A 311 7.63 -27.66 5.23
CA TYR A 311 6.31 -27.20 5.65
C TYR A 311 5.84 -26.01 4.81
N ILE A 312 4.56 -26.05 4.47
CA ILE A 312 3.89 -24.99 3.74
C ILE A 312 2.71 -24.49 4.56
N ASN A 313 2.68 -23.19 4.79
CA ASN A 313 1.49 -22.58 5.38
C ASN A 313 0.62 -22.02 4.27
N ALA A 314 -0.53 -22.65 4.10
CA ALA A 314 -1.41 -22.40 2.97
C ALA A 314 -2.16 -21.08 3.14
N HIS A 315 -2.67 -20.61 2.02
CA HIS A 315 -3.61 -19.49 2.02
C HIS A 315 -4.91 -20.02 2.60
N GLY A 316 -5.41 -21.08 1.99
CA GLY A 316 -6.51 -21.90 2.54
C GLY A 316 -7.53 -21.28 3.47
N THR A 317 -8.43 -20.51 2.87
CA THR A 317 -9.39 -19.71 3.64
C THR A 317 -10.72 -20.38 3.99
N SER A 318 -10.93 -21.61 3.53
CA SER A 318 -12.17 -22.37 3.77
C SER A 318 -13.25 -22.01 2.76
N THR A 319 -12.79 -21.78 1.54
CA THR A 319 -13.64 -21.46 0.41
C THR A 319 -13.45 -22.52 -0.66
N MET A 320 -14.24 -22.44 -1.71
CA MET A 320 -14.17 -23.48 -2.73
C MET A 320 -12.78 -23.46 -3.39
N ALA A 321 -12.14 -22.30 -3.38
CA ALA A 321 -10.79 -22.14 -3.93
C ALA A 321 -9.71 -22.94 -3.23
N ASP A 322 -10.01 -23.45 -2.04
CA ASP A 322 -9.01 -24.22 -1.27
C ASP A 322 -8.31 -25.27 -2.14
N VAL A 323 -9.08 -25.95 -2.98
CA VAL A 323 -8.56 -27.10 -3.73
C VAL A 323 -7.82 -26.68 -4.98
N ILE A 324 -8.02 -25.45 -5.41
CA ILE A 324 -7.24 -24.89 -6.53
C ILE A 324 -5.81 -24.72 -6.06
N GLU A 325 -5.66 -24.13 -4.89
CA GLU A 325 -4.32 -23.96 -4.29
C GLU A 325 -3.65 -25.32 -4.03
N LEU A 326 -4.45 -26.26 -3.55
CA LEU A 326 -3.93 -27.60 -3.26
C LEU A 326 -3.33 -28.24 -4.52
N ALA A 327 -4.07 -28.18 -5.61
CA ALA A 327 -3.61 -28.72 -6.90
C ALA A 327 -2.34 -28.04 -7.39
N ALA A 328 -2.27 -26.72 -7.21
CA ALA A 328 -1.08 -25.94 -7.61
C ALA A 328 0.14 -26.38 -6.81
N VAL A 329 -0.05 -26.58 -5.51
CA VAL A 329 1.04 -27.02 -4.64
C VAL A 329 1.51 -28.42 -5.06
N GLU A 330 0.55 -29.27 -5.40
CA GLU A 330 0.86 -30.63 -5.89
C GLU A 330 1.72 -30.57 -7.14
N ARG A 331 1.41 -29.63 -8.01
CA ARG A 331 2.17 -29.46 -9.25
C ARG A 331 3.58 -28.97 -8.95
N VAL A 332 3.69 -28.04 -8.01
CA VAL A 332 4.99 -27.48 -7.62
C VAL A 332 5.89 -28.55 -6.98
N LEU A 333 5.29 -29.37 -6.13
CA LEU A 333 6.06 -30.35 -5.32
C LEU A 333 6.42 -31.60 -6.12
N GLY A 334 5.53 -31.97 -7.03
CA GLY A 334 5.68 -33.18 -7.84
C GLY A 334 5.97 -34.38 -6.97
N TYR A 335 7.12 -34.98 -7.23
CA TYR A 335 7.54 -36.22 -6.57
C TYR A 335 7.61 -36.06 -5.05
N TYR A 336 7.78 -34.83 -4.58
CA TYR A 336 8.09 -34.59 -3.16
C TYR A 336 6.86 -34.37 -2.30
N ALA A 337 5.70 -34.48 -2.91
CA ALA A 337 4.44 -34.20 -2.23
C ALA A 337 4.29 -34.97 -0.92
N PRO A 338 4.65 -36.27 -0.92
CA PRO A 338 4.40 -37.04 0.28
C PRO A 338 5.28 -36.68 1.45
N GLN A 339 6.33 -35.88 1.22
CA GLN A 339 7.22 -35.54 2.33
C GLN A 339 7.09 -34.13 2.88
N VAL A 340 6.16 -33.36 2.33
CA VAL A 340 5.90 -32.00 2.78
C VAL A 340 4.60 -31.95 3.56
N SER A 341 4.60 -31.22 4.68
CA SER A 341 3.39 -30.98 5.43
C SER A 341 2.84 -29.62 5.00
N MET A 342 1.53 -29.53 4.88
CA MET A 342 0.88 -28.27 4.53
C MET A 342 -0.36 -28.10 5.36
N SER A 343 -0.53 -26.95 5.99
CA SER A 343 -1.74 -26.69 6.75
C SER A 343 -2.23 -25.26 6.64
N SER A 344 -3.51 -25.08 6.95
CA SER A 344 -4.09 -23.73 7.06
C SER A 344 -4.46 -23.41 8.50
N THR A 345 -3.80 -22.38 9.03
CA THR A 345 -4.05 -21.95 10.41
C THR A 345 -5.28 -21.05 10.47
N LYS A 346 -5.82 -20.76 9.30
CA LYS A 346 -7.10 -20.04 9.22
C LYS A 346 -8.20 -20.94 9.80
N SER A 347 -7.90 -22.23 9.90
CA SER A 347 -8.83 -23.18 10.49
C SER A 347 -9.05 -22.85 11.96
N SER A 348 -8.05 -22.17 12.53
CA SER A 348 -8.04 -21.83 13.97
C SER A 348 -8.36 -20.38 14.29
N ILE A 349 -7.81 -19.46 13.50
CA ILE A 349 -7.93 -18.03 13.80
C ILE A 349 -8.68 -17.23 12.74
N GLY A 350 -9.29 -17.92 11.80
CA GLY A 350 -9.99 -17.25 10.75
C GLY A 350 -9.07 -16.52 9.81
N HIS A 351 -9.65 -15.63 9.04
CA HIS A 351 -8.98 -14.91 8.01
C HIS A 351 -8.74 -13.50 8.49
N LEU A 352 -7.50 -13.18 8.76
CA LEU A 352 -7.12 -11.89 9.30
C LEU A 352 -6.94 -10.79 8.23
N LEU A 353 -7.27 -11.12 7.00
CA LEU A 353 -7.19 -10.22 5.87
C LEU A 353 -5.81 -9.57 5.82
N GLY A 354 -5.73 -8.29 6.02
CA GLY A 354 -4.44 -7.57 5.95
C GLY A 354 -3.33 -8.06 6.87
N ALA A 355 -3.71 -8.71 7.95
CA ALA A 355 -2.73 -9.19 8.94
C ALA A 355 -2.39 -10.65 8.69
N ALA A 356 -3.14 -11.29 7.81
CA ALA A 356 -3.07 -12.75 7.64
C ALA A 356 -1.68 -13.24 7.27
N GLY A 357 -1.06 -12.60 6.30
CA GLY A 357 0.22 -13.09 5.78
C GLY A 357 1.32 -12.96 6.79
N ALA A 358 1.15 -11.97 7.67
CA ALA A 358 2.15 -11.71 8.70
C ALA A 358 1.99 -12.66 9.89
N ALA A 359 0.76 -12.92 10.29
CA ALA A 359 0.52 -13.86 11.39
C ALA A 359 1.05 -15.23 10.98
N GLU A 360 0.79 -15.57 9.74
CA GLU A 360 1.19 -16.89 9.22
C GLU A 360 2.70 -16.99 9.09
N ALA A 361 3.33 -15.87 8.76
CA ALA A 361 4.80 -15.81 8.74
C ALA A 361 5.34 -16.10 10.13
N ILE A 362 4.69 -15.52 11.12
CA ILE A 362 5.02 -15.78 12.50
C ILE A 362 4.91 -17.28 12.86
N PHE A 363 3.78 -17.88 12.56
CA PHE A 363 3.56 -19.29 12.74
C PHE A 363 4.65 -20.15 12.07
N CYS A 364 5.08 -19.75 10.88
CA CYS A 364 6.15 -20.43 10.17
C CYS A 364 7.46 -20.39 10.93
N VAL A 365 7.78 -19.22 11.44
CA VAL A 365 9.01 -19.04 12.22
C VAL A 365 9.01 -19.95 13.44
N LEU A 366 7.86 -20.01 14.11
CA LEU A 366 7.73 -20.82 15.32
C LEU A 366 7.66 -22.32 14.98
N ALA A 367 7.15 -22.65 13.81
CA ALA A 367 7.19 -24.03 13.32
C ALA A 367 8.63 -24.51 13.23
N ILE A 368 9.51 -23.62 12.75
CA ILE A 368 10.93 -23.92 12.68
C ILE A 368 11.49 -24.02 14.11
N ARG A 369 11.19 -23.04 14.94
CA ARG A 369 11.77 -23.04 16.29
C ARG A 369 11.41 -24.34 17.01
N ASP A 370 10.17 -24.76 16.90
CA ASP A 370 9.68 -25.86 17.71
C ASP A 370 9.51 -27.16 16.92
N ASN A 371 9.98 -27.18 15.68
CA ASN A 371 9.88 -28.36 14.81
C ASN A 371 8.50 -29.02 14.88
N ILE A 372 7.49 -28.22 14.62
CA ILE A 372 6.12 -28.69 14.67
C ILE A 372 5.23 -27.98 13.63
N ALA A 373 4.47 -28.78 12.91
CA ALA A 373 3.51 -28.27 11.93
C ALA A 373 2.13 -28.08 12.57
N PRO A 374 1.61 -26.85 12.55
CA PRO A 374 0.26 -26.59 13.07
C PRO A 374 -0.77 -27.40 12.29
N ALA A 375 -1.87 -27.70 12.96
CA ALA A 375 -2.93 -28.51 12.36
C ALA A 375 -3.86 -27.71 11.45
N THR A 376 -4.52 -28.44 10.56
CA THR A 376 -5.71 -27.95 9.91
C THR A 376 -6.89 -28.47 10.73
N LEU A 377 -7.49 -27.60 11.52
CA LEU A 377 -8.66 -28.01 12.31
C LEU A 377 -9.82 -28.34 11.38
N ASN A 378 -10.71 -29.19 11.90
CA ASN A 378 -12.02 -29.45 11.31
C ASN A 378 -11.99 -30.23 10.01
N LEU A 379 -10.86 -30.80 9.69
CA LEU A 379 -10.73 -31.47 8.41
C LEU A 379 -11.26 -32.90 8.47
N GLU A 380 -12.56 -33.06 8.54
CA GLU A 380 -13.15 -34.36 8.78
C GLU A 380 -13.23 -35.19 7.53
N ASN A 381 -13.61 -34.56 6.45
CA ASN A 381 -13.81 -35.20 5.18
C ASN A 381 -13.21 -34.38 4.02
N PRO A 382 -11.96 -34.61 3.68
CA PRO A 382 -11.31 -33.88 2.59
C PRO A 382 -12.09 -33.99 1.29
N SER A 383 -12.20 -32.87 0.58
CA SER A 383 -12.92 -32.82 -0.70
C SER A 383 -12.25 -33.72 -1.74
N ILE A 384 -10.93 -33.79 -1.67
CA ILE A 384 -10.16 -34.61 -2.58
C ILE A 384 -9.00 -35.28 -1.88
N GLU A 385 -8.68 -36.48 -2.30
CA GLU A 385 -7.56 -37.14 -1.75
C GLU A 385 -6.28 -36.63 -2.38
N THR A 386 -5.24 -36.51 -1.59
CA THR A 386 -3.97 -35.97 -2.01
C THR A 386 -2.85 -36.71 -1.28
N LYS A 387 -1.65 -36.65 -1.81
CA LYS A 387 -0.49 -37.29 -1.19
C LYS A 387 0.14 -36.35 -0.16
N ILE A 388 -0.27 -35.09 -0.19
CA ILE A 388 0.23 -34.10 0.76
C ILE A 388 -0.41 -34.33 2.14
N ASP A 389 0.41 -34.30 3.18
CA ASP A 389 -0.06 -34.32 4.58
C ASP A 389 -0.64 -32.97 4.98
N LEU A 390 -1.95 -32.91 5.16
CA LEU A 390 -2.66 -31.65 5.48
C LEU A 390 -2.80 -31.44 6.97
N VAL A 391 -2.14 -32.31 7.72
CA VAL A 391 -2.09 -32.23 9.18
C VAL A 391 -3.47 -32.06 9.83
N PRO A 392 -4.40 -32.97 9.49
CA PRO A 392 -5.72 -32.79 10.08
C PRO A 392 -5.74 -32.92 11.59
N HIS A 393 -6.51 -32.04 12.21
CA HIS A 393 -6.91 -32.13 13.62
C HIS A 393 -5.84 -31.80 14.66
N LYS A 394 -4.69 -32.44 14.55
CA LYS A 394 -3.62 -32.29 15.55
C LYS A 394 -2.29 -31.95 14.88
N PRO A 395 -1.45 -31.15 15.55
CA PRO A 395 -0.19 -30.78 14.95
C PRO A 395 0.70 -31.98 14.80
N ARG A 396 1.65 -31.87 13.90
CA ARG A 396 2.61 -32.94 13.67
C ARG A 396 4.03 -32.50 14.01
N GLU A 397 4.64 -33.19 14.95
CA GLU A 397 6.04 -32.96 15.26
C GLU A 397 6.90 -33.63 14.21
N ARG A 398 7.76 -32.83 13.60
CA ARG A 398 8.62 -33.28 12.50
C ARG A 398 9.72 -32.26 12.32
N LYS A 399 10.75 -32.66 11.59
CA LYS A 399 11.81 -31.75 11.17
C LYS A 399 11.24 -30.66 10.27
N ILE A 400 11.44 -29.42 10.67
CA ILE A 400 11.08 -28.28 9.84
C ILE A 400 12.24 -27.29 9.81
N ASP A 401 12.92 -27.23 8.67
CA ASP A 401 14.06 -26.32 8.49
C ASP A 401 13.77 -25.25 7.46
N THR A 402 12.97 -25.62 6.47
CA THR A 402 12.67 -24.72 5.35
C THR A 402 11.17 -24.68 5.13
N VAL A 403 10.64 -23.47 5.04
CA VAL A 403 9.19 -23.27 4.98
C VAL A 403 8.80 -22.32 3.87
N LEU A 404 7.58 -22.53 3.37
CA LEU A 404 6.98 -21.68 2.33
C LEU A 404 5.61 -21.24 2.81
N SER A 405 5.31 -19.95 2.70
CA SER A 405 4.00 -19.43 3.08
C SER A 405 3.35 -18.68 1.92
N ASN A 406 2.10 -19.04 1.64
CA ASN A 406 1.30 -18.46 0.56
C ASN A 406 0.23 -17.49 1.04
N SER A 407 0.05 -16.43 0.24
CA SER A 407 -1.03 -15.44 0.43
C SER A 407 -1.56 -14.99 -0.92
N PHE A 408 -2.84 -15.26 -1.15
CA PHE A 408 -3.49 -15.01 -2.43
C PHE A 408 -4.70 -14.10 -2.27
N GLY A 409 -4.50 -12.82 -2.53
CA GLY A 409 -5.49 -11.79 -2.23
C GLY A 409 -6.50 -11.43 -3.30
N PHE A 410 -7.62 -10.90 -2.83
CA PHE A 410 -8.67 -10.38 -3.71
C PHE A 410 -8.03 -9.46 -4.72
N GLY A 411 -8.47 -9.58 -5.96
CA GLY A 411 -7.92 -8.79 -7.06
C GLY A 411 -6.88 -9.59 -7.83
N GLY A 412 -6.54 -10.75 -7.29
CA GLY A 412 -5.62 -11.65 -7.95
C GLY A 412 -4.17 -11.34 -7.66
N THR A 413 -3.94 -10.77 -6.48
CA THR A 413 -2.60 -10.40 -6.03
C THR A 413 -2.00 -11.52 -5.17
N ASN A 414 -0.96 -12.15 -5.71
CA ASN A 414 -0.33 -13.29 -5.05
C ASN A 414 1.05 -12.98 -4.51
N ALA A 415 1.30 -13.46 -3.29
CA ALA A 415 2.62 -13.39 -2.67
C ALA A 415 2.97 -14.73 -2.01
N SER A 416 4.25 -15.09 -2.12
CA SER A 416 4.81 -16.27 -1.43
C SER A 416 6.13 -15.91 -0.75
N LEU A 417 6.32 -16.43 0.44
CA LEU A 417 7.55 -16.22 1.20
C LEU A 417 8.23 -17.54 1.52
N VAL A 418 9.55 -17.53 1.48
CA VAL A 418 10.36 -18.67 1.90
C VAL A 418 11.30 -18.26 3.02
N MET A 419 11.25 -19.03 4.10
CA MET A 419 12.11 -18.83 5.24
C MET A 419 12.81 -20.13 5.63
N ARG A 420 13.93 -19.98 6.32
CA ARG A 420 14.75 -21.13 6.68
C ARG A 420 15.49 -20.93 7.99
N ARG A 421 15.65 -22.04 8.70
CA ARG A 421 16.50 -22.08 9.88
C ARG A 421 17.82 -21.38 9.60
N PHE A 422 18.26 -20.57 10.56
CA PHE A 422 19.56 -19.94 10.47
C PHE A 422 20.60 -20.81 11.18
N SER A 423 21.60 -21.22 10.41
CA SER A 423 22.77 -21.93 10.95
C SER A 423 23.95 -21.00 10.86
N GLU A 424 24.28 -20.68 9.61
CA GLU A 424 24.94 -19.42 9.26
C GLU A 424 24.90 -19.12 7.76
N MET B 5 22.07 -5.18 -10.69
CA MET B 5 20.71 -4.60 -10.88
C MET B 5 20.57 -4.11 -12.30
N ARG B 6 19.49 -4.50 -12.94
CA ARG B 6 19.24 -4.12 -14.33
C ARG B 6 18.76 -2.67 -14.36
N ARG B 7 19.02 -2.02 -15.48
CA ARG B 7 18.65 -0.61 -15.68
C ARG B 7 17.18 -0.53 -16.09
N VAL B 8 16.54 0.56 -15.71
CA VAL B 8 15.09 0.73 -15.90
C VAL B 8 14.76 2.07 -16.54
N VAL B 9 13.99 2.01 -17.62
CA VAL B 9 13.64 3.21 -18.37
C VAL B 9 12.13 3.37 -18.46
N ILE B 10 11.71 4.59 -18.77
CA ILE B 10 10.30 4.93 -18.96
C ILE B 10 10.00 5.04 -20.44
N THR B 11 8.99 4.28 -20.87
CA THR B 11 8.67 4.12 -22.29
C THR B 11 7.22 4.45 -22.61
N GLY B 12 6.47 4.81 -21.58
CA GLY B 12 5.07 5.18 -21.77
C GLY B 12 4.55 6.09 -20.67
N LEU B 13 3.70 7.04 -21.08
CA LEU B 13 3.10 8.02 -20.18
C LEU B 13 1.59 8.06 -20.32
N GLY B 14 0.92 8.16 -19.17
CA GLY B 14 -0.52 8.29 -19.14
C GLY B 14 -0.98 9.15 -17.98
N LEU B 15 -1.93 10.02 -18.26
CA LEU B 15 -2.32 11.02 -17.27
C LEU B 15 -3.72 11.54 -17.49
N VAL B 16 -4.50 11.48 -16.43
CA VAL B 16 -5.78 12.16 -16.35
C VAL B 16 -5.67 13.18 -15.22
N SER B 17 -5.71 14.46 -15.59
CA SER B 17 -5.40 15.53 -14.64
C SER B 17 -6.43 16.66 -14.64
N PRO B 18 -6.31 17.59 -13.68
CA PRO B 18 -7.22 18.73 -13.67
C PRO B 18 -7.05 19.69 -14.85
N LEU B 19 -6.01 19.48 -15.66
CA LEU B 19 -5.84 20.32 -16.84
C LEU B 19 -6.39 19.68 -18.10
N ALA B 20 -6.38 18.35 -18.15
CA ALA B 20 -6.77 17.59 -19.34
C ALA B 20 -6.85 16.10 -19.10
N GLY B 21 -7.60 15.41 -19.94
CA GLY B 21 -7.78 13.98 -19.82
C GLY B 21 -6.66 13.18 -20.44
N ASP B 22 -5.61 13.85 -20.88
CA ASP B 22 -4.46 13.16 -21.46
C ASP B 22 -3.15 13.87 -21.16
N VAL B 23 -2.08 13.25 -21.46
CA VAL B 23 -0.76 13.73 -21.16
C VAL B 23 -0.41 15.02 -21.90
N GLU B 24 -0.48 14.95 -23.20
CA GLU B 24 0.02 16.03 -24.03
C GLU B 24 -0.76 17.31 -23.85
N TYR B 25 -2.08 17.23 -23.78
CA TYR B 25 -2.89 18.40 -23.46
C TYR B 25 -2.68 18.94 -22.02
N SER B 26 -2.40 18.06 -21.09
CA SER B 26 -2.05 18.45 -19.73
C SER B 26 -0.77 19.29 -19.72
N TRP B 27 0.21 18.78 -20.41
CA TRP B 27 1.54 19.41 -20.45
C TRP B 27 1.44 20.74 -21.18
N LYS B 28 0.72 20.73 -22.29
CA LYS B 28 0.55 21.94 -23.10
C LYS B 28 -0.07 23.07 -22.29
N ARG B 29 -1.11 22.75 -21.53
CA ARG B 29 -1.81 23.77 -20.74
C ARG B 29 -1.01 24.16 -19.52
N LEU B 30 -0.28 23.21 -18.98
CA LEU B 30 0.57 23.49 -17.82
C LEU B 30 1.57 24.57 -18.19
N LEU B 31 2.22 24.38 -19.33
CA LEU B 31 3.27 25.30 -19.80
C LEU B 31 2.72 26.67 -20.22
N GLU B 32 1.43 26.69 -20.56
CA GLU B 32 0.73 27.91 -20.96
C GLU B 32 0.30 28.70 -19.74
N GLY B 33 0.52 28.13 -18.56
CA GLY B 33 0.20 28.83 -17.31
C GLY B 33 -1.26 28.71 -16.90
N LYS B 34 -1.94 27.71 -17.42
CA LYS B 34 -3.32 27.41 -17.05
C LYS B 34 -3.46 26.76 -15.68
N SER B 35 -4.60 26.95 -15.04
CA SER B 35 -4.90 26.39 -13.75
C SER B 35 -6.06 25.44 -13.85
N GLY B 36 -6.05 24.36 -13.12
CA GLY B 36 -7.16 23.47 -13.12
C GLY B 36 -8.13 23.72 -11.98
N VAL B 37 -7.93 24.81 -11.24
CA VAL B 37 -8.63 25.06 -10.03
C VAL B 37 -9.89 25.90 -10.24
N ARG B 38 -11.00 25.43 -9.73
CA ARG B 38 -12.29 26.12 -9.86
C ARG B 38 -13.25 25.84 -8.72
N ARG B 39 -14.28 26.68 -8.60
CA ARG B 39 -15.33 26.42 -7.63
C ARG B 39 -16.01 25.10 -7.95
N ILE B 40 -16.36 24.37 -6.90
CA ILE B 40 -17.06 23.09 -7.03
C ILE B 40 -18.54 23.33 -7.31
N THR B 41 -19.05 22.68 -8.34
CA THR B 41 -20.44 22.83 -8.75
C THR B 41 -21.22 21.52 -8.76
N GLU B 42 -20.51 20.41 -8.58
CA GLU B 42 -21.07 19.08 -8.77
C GLU B 42 -21.94 18.67 -7.59
N PHE B 43 -21.59 19.16 -6.41
CA PHE B 43 -22.30 18.85 -5.18
C PHE B 43 -22.30 20.07 -4.27
N ASP B 44 -23.08 20.03 -3.21
CA ASP B 44 -23.21 21.16 -2.32
C ASP B 44 -21.98 21.39 -1.48
N VAL B 45 -21.43 22.57 -1.56
CA VAL B 45 -20.31 22.98 -0.74
C VAL B 45 -20.54 24.25 0.05
N SER B 46 -21.78 24.68 0.14
CA SER B 46 -22.08 25.96 0.74
C SER B 46 -21.76 25.99 2.22
N ASP B 47 -21.74 24.85 2.86
CA ASP B 47 -21.54 24.74 4.31
C ASP B 47 -20.09 24.36 4.64
N LEU B 48 -19.26 24.35 3.61
CA LEU B 48 -17.84 23.98 3.75
C LEU B 48 -16.96 25.21 3.67
N SER B 49 -15.83 25.20 4.37
CA SER B 49 -14.94 26.37 4.37
C SER B 49 -14.10 26.45 3.10
N CYS B 50 -13.87 25.28 2.50
CA CYS B 50 -13.20 25.21 1.21
C CYS B 50 -14.20 24.78 0.15
N GLN B 51 -14.33 25.60 -0.89
CA GLN B 51 -15.37 25.40 -1.90
C GLN B 51 -14.78 25.28 -3.29
N ILE B 52 -13.49 24.99 -3.33
CA ILE B 52 -12.75 24.91 -4.58
C ILE B 52 -11.94 23.61 -4.67
N ALA B 53 -11.64 23.24 -5.90
CA ALA B 53 -10.85 22.04 -6.17
C ALA B 53 -10.32 22.06 -7.60
N ALA B 54 -9.27 21.29 -7.81
CA ALA B 54 -8.72 21.07 -9.13
C ALA B 54 -9.39 19.85 -9.77
N ARG B 55 -10.31 20.10 -10.69
CA ARG B 55 -11.12 19.07 -11.27
C ARG B 55 -10.83 18.73 -12.72
N ILE B 56 -10.92 17.46 -13.04
CA ILE B 56 -10.70 16.99 -14.38
C ILE B 56 -11.80 17.55 -15.29
N PRO B 57 -11.45 18.07 -16.47
CA PRO B 57 -12.44 18.59 -17.42
C PRO B 57 -13.15 17.47 -18.13
N VAL B 58 -14.43 17.33 -17.83
CA VAL B 58 -15.25 16.22 -18.32
C VAL B 58 -15.91 16.58 -19.64
N GLY B 59 -16.05 15.59 -20.51
CA GLY B 59 -16.61 15.83 -21.84
C GLY B 59 -16.64 14.61 -22.71
N ASP B 60 -16.64 14.85 -24.03
CA ASP B 60 -16.79 13.77 -25.02
C ASP B 60 -15.45 13.20 -25.45
N GLY B 61 -14.39 13.75 -24.88
CA GLY B 61 -13.04 13.26 -25.18
C GLY B 61 -12.27 14.14 -26.14
N THR B 62 -12.96 15.06 -26.77
CA THR B 62 -12.31 16.03 -27.65
C THR B 62 -11.79 17.21 -26.86
N ASN B 63 -10.88 17.91 -27.51
CA ASN B 63 -10.30 19.13 -26.98
C ASN B 63 -9.80 18.92 -25.54
N GLY B 64 -9.18 17.78 -25.33
CA GLY B 64 -8.47 17.52 -24.08
C GLY B 64 -9.37 17.17 -22.90
N THR B 65 -10.64 16.87 -23.20
CA THR B 65 -11.58 16.44 -22.15
C THR B 65 -11.54 14.95 -21.85
N TYR B 66 -12.13 14.60 -20.73
CA TYR B 66 -12.16 13.22 -20.23
C TYR B 66 -13.54 12.61 -20.34
N ASN B 67 -13.63 11.50 -21.08
CA ASN B 67 -14.86 10.70 -21.17
C ASN B 67 -14.67 9.31 -20.57
N ALA B 68 -15.17 9.14 -19.36
CA ALA B 68 -15.03 7.88 -18.63
C ALA B 68 -15.54 6.70 -19.46
N ASP B 69 -16.59 6.98 -20.22
CA ASP B 69 -17.30 5.93 -20.96
C ASP B 69 -16.41 5.22 -21.99
N LEU B 70 -15.32 5.88 -22.36
CA LEU B 70 -14.42 5.35 -23.39
C LEU B 70 -13.44 4.37 -22.76
N HIS B 71 -13.37 4.40 -21.45
CA HIS B 71 -12.47 3.56 -20.70
C HIS B 71 -13.15 2.43 -19.91
N MET B 72 -14.39 2.62 -19.55
CA MET B 72 -15.11 1.61 -18.84
C MET B 72 -16.61 1.78 -19.08
N GLU B 73 -17.34 0.69 -19.28
CA GLU B 73 -18.77 0.81 -19.59
C GLU B 73 -19.51 1.48 -18.44
N SER B 74 -20.53 2.23 -18.75
CA SER B 74 -21.34 2.90 -17.72
C SER B 74 -21.75 1.98 -16.59
N LYS B 75 -22.22 0.80 -16.97
CA LYS B 75 -22.76 -0.15 -15.99
C LYS B 75 -21.66 -0.64 -15.04
N GLU B 76 -20.46 -0.72 -15.58
CA GLU B 76 -19.29 -1.13 -14.79
C GLU B 76 -18.80 -0.01 -13.89
N GLN B 77 -18.90 1.23 -14.36
CA GLN B 77 -18.51 2.40 -13.56
C GLN B 77 -19.33 2.51 -12.29
N ARG B 78 -20.57 2.05 -12.36
CA ARG B 78 -21.48 2.15 -11.23
C ARG B 78 -21.07 1.19 -10.12
N LYS B 79 -20.15 0.28 -10.43
CA LYS B 79 -19.74 -0.76 -9.49
C LYS B 79 -18.43 -0.40 -8.77
N VAL B 80 -17.85 0.73 -9.15
CA VAL B 80 -16.54 1.12 -8.61
C VAL B 80 -16.49 2.59 -8.24
N ASP B 81 -15.60 2.92 -7.32
CA ASP B 81 -15.28 4.31 -7.03
C ASP B 81 -14.40 4.85 -8.15
N ALA B 82 -14.45 6.16 -8.34
CA ALA B 82 -13.83 6.80 -9.50
C ALA B 82 -12.30 6.60 -9.60
N PHE B 83 -11.63 6.39 -8.47
CA PHE B 83 -10.16 6.23 -8.50
C PHE B 83 -9.78 5.05 -9.41
N ILE B 84 -10.65 4.06 -9.44
CA ILE B 84 -10.39 2.87 -10.27
C ILE B 84 -10.52 3.22 -11.75
N VAL B 85 -11.55 3.99 -12.09
CA VAL B 85 -11.75 4.41 -13.44
C VAL B 85 -10.65 5.33 -13.95
N TYR B 86 -10.24 6.29 -13.16
CA TYR B 86 -9.13 7.12 -13.56
C TYR B 86 -7.91 6.25 -13.87
N ALA B 87 -7.65 5.27 -13.03
CA ALA B 87 -6.45 4.47 -13.20
C ALA B 87 -6.47 3.73 -14.54
N ILE B 88 -7.63 3.20 -14.86
CA ILE B 88 -7.84 2.47 -16.07
C ILE B 88 -7.55 3.37 -17.23
N ALA B 89 -8.07 4.58 -17.17
CA ALA B 89 -7.89 5.55 -18.27
C ALA B 89 -6.43 5.92 -18.48
N ALA B 90 -5.72 6.10 -17.38
CA ALA B 90 -4.30 6.47 -17.44
C ALA B 90 -3.50 5.29 -18.01
N ALA B 91 -3.86 4.09 -17.56
CA ALA B 91 -3.18 2.87 -18.01
C ALA B 91 -3.40 2.68 -19.50
N ASP B 92 -4.62 2.93 -19.94
CA ASP B 92 -5.00 2.81 -21.36
C ASP B 92 -4.04 3.65 -22.20
N GLN B 93 -3.81 4.87 -21.73
CA GLN B 93 -2.91 5.83 -22.40
C GLN B 93 -1.47 5.37 -22.41
N ALA B 94 -1.00 4.91 -21.27
CA ALA B 94 0.41 4.57 -21.08
C ALA B 94 0.82 3.37 -21.93
N LEU B 95 -0.03 2.36 -21.94
CA LEU B 95 0.23 1.16 -22.78
C LEU B 95 0.24 1.52 -24.25
N ALA B 96 -0.66 2.41 -24.63
CA ALA B 96 -0.77 2.86 -26.03
C ALA B 96 0.50 3.60 -26.41
N ASP B 97 0.96 4.43 -25.48
CA ASP B 97 2.15 5.26 -25.69
C ASP B 97 3.36 4.35 -25.80
N ALA B 98 3.38 3.29 -25.01
CA ALA B 98 4.54 2.39 -24.98
C ALA B 98 4.43 1.37 -26.11
N GLU B 99 3.27 1.33 -26.74
CA GLU B 99 2.95 0.34 -27.75
C GLU B 99 3.20 -1.06 -27.19
N TRP B 100 2.64 -1.30 -26.01
CA TRP B 100 2.84 -2.56 -25.32
C TRP B 100 1.54 -3.21 -24.95
N PHE B 101 1.13 -4.19 -25.74
CA PHE B 101 -0.10 -4.94 -25.47
C PHE B 101 0.18 -6.45 -25.46
N PRO B 102 0.66 -6.96 -24.32
CA PRO B 102 1.12 -8.35 -24.27
C PRO B 102 0.01 -9.35 -24.52
N LYS B 103 0.30 -10.30 -25.40
CA LYS B 103 -0.64 -11.38 -25.74
C LYS B 103 -0.09 -12.77 -25.45
N SER B 104 1.19 -12.97 -25.68
CA SER B 104 1.84 -14.25 -25.36
C SER B 104 1.94 -14.46 -23.86
N ASP B 105 2.07 -15.70 -23.47
CA ASP B 105 2.26 -16.04 -22.08
C ASP B 105 3.50 -15.33 -21.56
N GLU B 106 4.58 -15.44 -22.29
CA GLU B 106 5.80 -14.79 -21.92
C GLU B 106 5.65 -13.29 -21.64
N ASP B 107 5.08 -12.56 -22.57
CA ASP B 107 4.95 -11.13 -22.43
C ASP B 107 3.97 -10.76 -21.30
N GLN B 108 2.95 -11.54 -21.12
CA GLN B 108 1.93 -11.26 -20.09
C GLN B 108 2.47 -11.47 -18.69
N ILE B 109 3.24 -12.55 -18.54
CA ILE B 109 3.77 -12.95 -17.24
C ILE B 109 4.86 -11.99 -16.75
N CYS B 110 5.49 -11.31 -17.69
CA CYS B 110 6.60 -10.44 -17.33
C CYS B 110 6.17 -8.98 -17.20
N THR B 111 4.88 -8.75 -17.33
CA THR B 111 4.31 -7.42 -17.19
C THR B 111 3.39 -7.35 -15.98
N GLY B 112 3.74 -6.49 -15.02
CA GLY B 112 2.94 -6.33 -13.80
C GLY B 112 2.36 -4.93 -13.67
N VAL B 113 1.71 -4.72 -12.53
CA VAL B 113 1.03 -3.46 -12.27
C VAL B 113 1.20 -3.09 -10.80
N LEU B 114 1.61 -1.86 -10.56
CA LEU B 114 1.70 -1.34 -9.19
C LEU B 114 1.12 0.07 -9.11
N ILE B 115 -0.14 0.14 -8.73
CA ILE B 115 -0.87 1.39 -8.64
C ILE B 115 -1.36 1.61 -7.23
N GLY B 116 -1.06 2.77 -6.68
CA GLY B 116 -1.47 3.12 -5.34
C GLY B 116 -2.55 4.18 -5.30
N SER B 117 -3.10 4.33 -4.10
CA SER B 117 -4.00 5.45 -3.79
C SER B 117 -3.78 5.79 -2.32
N GLY B 118 -4.06 7.03 -1.95
CA GLY B 118 -3.82 7.46 -0.58
C GLY B 118 -5.02 7.12 0.26
N ILE B 119 -6.15 7.25 -0.40
CA ILE B 119 -7.41 7.17 0.31
C ILE B 119 -8.42 6.21 -0.27
N GLY B 120 -8.34 5.97 -1.58
CA GLY B 120 -9.23 5.02 -2.23
C GLY B 120 -10.71 5.36 -2.21
N GLY B 121 -11.50 4.38 -1.77
CA GLY B 121 -12.95 4.39 -1.97
C GLY B 121 -13.78 5.03 -0.86
N ILE B 122 -13.26 6.11 -0.31
CA ILE B 122 -13.90 6.79 0.83
C ILE B 122 -15.35 7.19 0.56
N GLU B 123 -15.60 7.72 -0.64
CA GLU B 123 -16.96 8.20 -0.98
C GLU B 123 -17.96 7.04 -0.99
N GLY B 124 -17.55 5.93 -1.60
CA GLY B 124 -18.40 4.74 -1.72
C GLY B 124 -18.65 4.07 -0.39
N ILE B 125 -17.68 4.18 0.50
CA ILE B 125 -17.82 3.59 1.83
C ILE B 125 -18.89 4.37 2.60
N VAL B 126 -18.84 5.68 2.47
CA VAL B 126 -19.81 6.52 3.19
C VAL B 126 -21.23 6.25 2.67
N GLU B 127 -21.35 6.08 1.36
CA GLU B 127 -22.66 5.87 0.73
C GLU B 127 -23.24 4.53 1.15
N ALA B 128 -22.38 3.53 1.24
CA ALA B 128 -22.78 2.19 1.67
C ALA B 128 -23.20 2.22 3.14
N GLY B 129 -22.53 3.08 3.90
CA GLY B 129 -22.87 3.29 5.31
C GLY B 129 -24.30 3.79 5.46
N TYR B 130 -24.68 4.71 4.60
CA TYR B 130 -26.04 5.28 4.62
C TYR B 130 -27.05 4.19 4.26
N THR B 131 -26.70 3.41 3.25
CA THR B 131 -27.54 2.29 2.84
C THR B 131 -27.73 1.31 4.00
N LEU B 132 -26.62 0.98 4.65
CA LEU B 132 -26.63 0.02 5.76
C LEU B 132 -27.60 0.45 6.83
N ARG B 133 -27.54 1.72 7.17
CA ARG B 133 -28.32 2.29 8.24
C ARG B 133 -29.77 2.49 7.87
N ASP B 134 -30.03 3.01 6.68
CA ASP B 134 -31.37 3.33 6.21
C ASP B 134 -32.19 2.20 5.62
N LYS B 135 -31.54 1.30 4.91
CA LYS B 135 -32.17 0.20 4.22
C LYS B 135 -31.83 -1.18 4.73
N GLY B 136 -30.69 -1.31 5.41
CA GLY B 136 -30.30 -2.55 6.00
C GLY B 136 -29.32 -3.35 5.24
N PRO B 137 -28.71 -4.31 5.90
CA PRO B 137 -27.60 -5.08 5.36
C PRO B 137 -27.93 -5.83 4.08
N ARG B 138 -29.17 -6.25 3.94
CA ARG B 138 -29.62 -6.89 2.74
C ARG B 138 -29.49 -6.07 1.49
N ARG B 139 -29.45 -4.76 1.62
CA ARG B 139 -29.41 -3.89 0.48
C ARG B 139 -28.03 -3.45 0.03
N ILE B 140 -27.01 -3.98 0.68
CA ILE B 140 -25.65 -3.66 0.34
C ILE B 140 -25.28 -4.38 -0.93
N SER B 141 -24.60 -3.68 -1.82
CA SER B 141 -24.23 -4.25 -3.12
C SER B 141 -23.19 -5.36 -3.03
N PRO B 142 -23.35 -6.43 -3.83
CA PRO B 142 -22.32 -7.46 -3.91
C PRO B 142 -21.01 -6.90 -4.43
N PHE B 143 -21.05 -5.69 -4.94
CA PHE B 143 -19.86 -5.06 -5.51
C PHE B 143 -19.24 -4.04 -4.57
N PHE B 144 -19.80 -3.96 -3.36
CA PHE B 144 -19.33 -2.96 -2.40
C PHE B 144 -17.83 -3.11 -2.14
N ILE B 145 -17.43 -4.32 -1.74
CA ILE B 145 -16.04 -4.55 -1.37
C ILE B 145 -15.06 -4.34 -2.54
N PRO B 146 -15.24 -5.06 -3.65
CA PRO B 146 -14.21 -4.96 -4.68
C PRO B 146 -14.06 -3.54 -5.26
N GLY B 147 -15.16 -2.80 -5.28
CA GLY B 147 -15.17 -1.48 -5.92
C GLY B 147 -14.53 -0.42 -5.04
N ARG B 148 -14.16 -0.84 -3.83
CA ARG B 148 -13.69 0.10 -2.81
C ARG B 148 -12.25 -0.13 -2.32
N LEU B 149 -11.75 -1.34 -2.54
CA LEU B 149 -10.39 -1.69 -2.11
C LEU B 149 -9.34 -1.00 -2.96
N ILE B 150 -8.33 -0.43 -2.30
CA ILE B 150 -7.31 0.34 -3.00
C ILE B 150 -6.61 -0.50 -4.08
N ASN B 151 -6.29 -1.72 -3.73
CA ASN B 151 -5.57 -2.58 -4.64
C ASN B 151 -6.34 -3.02 -5.89
N LEU B 152 -7.63 -2.73 -5.93
CA LEU B 152 -8.48 -3.16 -7.06
C LEU B 152 -8.25 -2.27 -8.28
N ALA B 153 -7.50 -1.19 -8.10
CA ALA B 153 -7.08 -0.40 -9.24
C ALA B 153 -6.12 -1.26 -10.07
N SER B 154 -5.08 -1.75 -9.40
CA SER B 154 -4.12 -2.68 -10.00
C SER B 154 -4.86 -3.90 -10.54
N GLY B 155 -5.85 -4.33 -9.79
CA GLY B 155 -6.63 -5.52 -10.11
C GLY B 155 -7.40 -5.35 -11.40
N TYR B 156 -8.17 -4.26 -11.50
CA TYR B 156 -8.98 -3.99 -12.69
C TYR B 156 -8.09 -3.81 -13.93
N VAL B 157 -6.97 -3.15 -13.73
CA VAL B 157 -6.07 -2.82 -14.85
C VAL B 157 -5.41 -4.11 -15.35
N SER B 158 -4.99 -4.91 -14.39
CA SER B 158 -4.40 -6.22 -14.66
C SER B 158 -5.35 -7.08 -15.48
N ILE B 159 -6.60 -7.13 -15.05
CA ILE B 159 -7.60 -7.96 -15.73
C ILE B 159 -7.84 -7.48 -17.15
N LYS B 160 -7.97 -6.17 -17.30
CA LYS B 160 -8.29 -5.58 -18.60
C LYS B 160 -7.26 -5.94 -19.64
N TYR B 161 -6.00 -6.01 -19.22
CA TYR B 161 -4.90 -6.11 -20.18
C TYR B 161 -4.11 -7.40 -20.12
N GLY B 162 -4.53 -8.29 -19.24
CA GLY B 162 -3.93 -9.62 -19.13
C GLY B 162 -2.53 -9.57 -18.59
N LEU B 163 -2.32 -8.68 -17.62
CA LEU B 163 -1.01 -8.44 -17.02
C LEU B 163 -0.85 -9.34 -15.79
N ARG B 164 0.04 -10.30 -15.92
CA ARG B 164 0.12 -11.42 -14.98
C ARG B 164 1.41 -11.43 -14.17
N GLY B 165 2.17 -10.35 -14.32
CA GLY B 165 3.35 -10.11 -13.50
C GLY B 165 2.98 -9.64 -12.09
N PRO B 166 3.98 -9.20 -11.31
CA PRO B 166 3.68 -8.73 -9.97
C PRO B 166 2.52 -7.76 -9.95
N ASN B 167 1.57 -8.05 -9.11
CA ASN B 167 0.38 -7.26 -8.96
C ASN B 167 0.36 -6.76 -7.54
N HIS B 168 0.56 -5.47 -7.36
CA HIS B 168 0.90 -4.93 -6.08
C HIS B 168 0.28 -3.53 -5.89
N SER B 169 0.29 -3.02 -4.68
CA SER B 169 -0.29 -1.74 -4.38
C SER B 169 0.25 -1.10 -3.08
N VAL B 170 0.40 0.19 -3.13
CA VAL B 170 0.90 0.93 -1.97
C VAL B 170 -0.02 2.07 -1.58
N VAL B 171 0.16 2.51 -0.35
CA VAL B 171 -0.67 3.58 0.24
C VAL B 171 0.20 4.37 1.22
N THR B 172 0.56 5.58 0.79
CA THR B 172 1.43 6.45 1.61
C THR B 172 1.09 7.91 1.43
N ALA B 173 -0.21 8.17 1.40
CA ALA B 173 -0.72 9.54 1.26
C ALA B 173 -0.07 10.26 0.11
N CYS B 174 0.46 11.44 0.38
CA CYS B 174 1.02 12.32 -0.68
C CYS B 174 2.20 11.72 -1.44
N SER B 175 2.83 10.69 -0.87
CA SER B 175 4.03 10.15 -1.52
C SER B 175 3.74 8.83 -2.22
N THR B 176 2.46 8.47 -2.27
CA THR B 176 2.01 7.20 -2.84
C THR B 176 2.57 6.97 -4.25
N GLY B 177 2.42 7.96 -5.12
CA GLY B 177 2.73 7.78 -6.54
C GLY B 177 4.22 7.61 -6.76
N ALA B 178 4.99 8.19 -5.84
CA ALA B 178 6.45 8.16 -5.88
C ALA B 178 6.94 6.80 -5.44
N HIS B 179 6.41 6.33 -4.32
CA HIS B 179 6.71 5.00 -3.83
C HIS B 179 6.38 3.97 -4.91
N ALA B 180 5.26 4.15 -5.56
CA ALA B 180 4.80 3.17 -6.55
C ALA B 180 5.81 3.02 -7.67
N ILE B 181 6.32 4.16 -8.14
CA ILE B 181 7.22 4.17 -9.29
C ILE B 181 8.56 3.59 -8.86
N GLY B 182 9.02 4.01 -7.68
CA GLY B 182 10.31 3.55 -7.18
C GLY B 182 10.30 2.06 -6.91
N ASP B 183 9.20 1.60 -6.33
CA ASP B 183 9.03 0.18 -5.96
C ASP B 183 8.94 -0.69 -7.21
N ALA B 184 8.20 -0.19 -8.20
CA ALA B 184 7.99 -0.91 -9.47
C ALA B 184 9.30 -1.01 -10.24
N ALA B 185 10.08 0.05 -10.18
CA ALA B 185 11.40 0.06 -10.81
C ALA B 185 12.33 -0.99 -10.20
N ARG B 186 12.24 -1.15 -8.88
CA ARG B 186 13.10 -2.12 -8.18
C ARG B 186 12.72 -3.55 -8.55
N LEU B 187 11.43 -3.79 -8.74
CA LEU B 187 10.95 -5.10 -9.17
C LEU B 187 11.56 -5.48 -10.51
N ILE B 188 11.74 -4.48 -11.36
CA ILE B 188 12.33 -4.70 -12.69
C ILE B 188 13.82 -4.91 -12.52
N ALA B 189 14.45 -4.03 -11.73
CA ALA B 189 15.89 -4.07 -11.53
C ALA B 189 16.33 -5.42 -10.98
N LEU B 190 15.44 -6.02 -10.20
CA LEU B 190 15.72 -7.30 -9.49
C LEU B 190 15.31 -8.53 -10.29
N GLY B 191 14.69 -8.34 -11.42
CA GLY B 191 14.33 -9.43 -12.28
C GLY B 191 12.97 -10.01 -12.07
N ASP B 192 12.18 -9.41 -11.20
CA ASP B 192 10.83 -9.89 -10.93
C ASP B 192 9.82 -9.60 -12.07
N ALA B 193 10.18 -8.64 -12.89
CA ALA B 193 9.37 -8.23 -14.02
C ALA B 193 10.23 -7.58 -15.08
N ASP B 194 9.74 -7.56 -16.30
CA ASP B 194 10.46 -6.86 -17.36
C ASP B 194 9.78 -5.54 -17.71
N VAL B 195 8.50 -5.48 -17.41
CA VAL B 195 7.67 -4.30 -17.66
C VAL B 195 6.71 -4.11 -16.49
N MET B 196 6.56 -2.87 -16.06
CA MET B 196 5.57 -2.55 -15.02
C MET B 196 4.82 -1.28 -15.36
N LEU B 197 3.52 -1.33 -15.18
CA LEU B 197 2.70 -0.12 -15.11
C LEU B 197 2.77 0.32 -13.66
N ALA B 198 3.09 1.59 -13.44
CA ALA B 198 3.20 2.11 -12.08
C ALA B 198 2.72 3.52 -11.95
N GLY B 199 2.14 3.81 -10.79
CA GLY B 199 1.70 5.17 -10.52
C GLY B 199 0.69 5.24 -9.41
N GLY B 200 -0.15 6.26 -9.51
CA GLY B 200 -1.12 6.54 -8.47
C GLY B 200 -2.40 7.12 -9.01
N THR B 201 -3.43 7.00 -8.20
CA THR B 201 -4.77 7.48 -8.56
C THR B 201 -5.49 7.97 -7.31
N GLU B 202 -6.37 8.94 -7.50
CA GLU B 202 -7.16 9.46 -6.41
C GLU B 202 -8.45 10.13 -6.87
N SER B 203 -9.52 9.86 -6.12
CA SER B 203 -10.81 10.51 -6.34
C SER B 203 -11.35 11.07 -5.00
N PRO B 204 -10.69 12.11 -4.47
CA PRO B 204 -10.98 12.65 -3.14
C PRO B 204 -11.89 13.87 -3.12
N ILE B 205 -12.39 14.28 -4.27
CA ILE B 205 -13.25 15.46 -4.30
C ILE B 205 -14.70 15.06 -4.00
N ASN B 206 -15.01 15.07 -2.71
CA ASN B 206 -16.33 14.74 -2.19
C ASN B 206 -16.50 15.41 -0.83
N ARG B 207 -17.72 15.40 -0.31
CA ARG B 207 -18.01 16.16 0.92
C ARG B 207 -17.24 15.62 2.11
N ILE B 208 -17.20 14.30 2.25
CA ILE B 208 -16.55 13.70 3.42
C ILE B 208 -15.05 14.04 3.45
N SER B 209 -14.40 13.97 2.30
CA SER B 209 -12.96 14.24 2.23
C SER B 209 -12.68 15.71 2.44
N LEU B 210 -13.52 16.55 1.84
CA LEU B 210 -13.36 18.00 1.99
C LEU B 210 -13.56 18.41 3.45
N ALA B 211 -14.57 17.82 4.08
CA ALA B 211 -14.90 18.12 5.49
C ALA B 211 -13.74 17.64 6.35
N GLY B 212 -13.20 16.49 5.97
CA GLY B 212 -12.11 15.88 6.72
C GLY B 212 -10.83 16.69 6.72
N PHE B 213 -10.40 17.12 5.54
CA PHE B 213 -9.15 17.88 5.41
C PHE B 213 -9.33 19.31 5.90
N SER B 214 -10.55 19.81 5.82
CA SER B 214 -10.88 21.12 6.35
C SER B 214 -10.76 21.09 7.87
N ALA B 215 -11.16 19.97 8.44
CA ALA B 215 -11.23 19.82 9.89
C ALA B 215 -9.85 19.91 10.49
N CYS B 216 -8.84 19.41 9.79
CA CYS B 216 -7.47 19.53 10.28
C CYS B 216 -6.79 20.71 9.62
N ARG B 217 -7.62 21.60 9.08
CA ARG B 217 -7.21 22.88 8.48
C ARG B 217 -6.06 22.75 7.49
N ALA B 218 -6.16 21.73 6.65
CA ALA B 218 -5.13 21.46 5.63
C ALA B 218 -5.37 22.25 4.35
N LEU B 219 -6.61 22.71 4.17
CA LEU B 219 -7.06 23.27 2.89
C LEU B 219 -7.09 24.80 2.86
N SER B 220 -6.85 25.34 1.67
CA SER B 220 -7.02 26.77 1.39
C SER B 220 -8.47 27.20 1.60
N THR B 221 -8.67 28.33 2.26
CA THR B 221 -10.03 28.76 2.53
C THR B 221 -10.36 30.22 2.18
N CYS B 222 -9.36 31.02 1.90
CA CYS B 222 -9.57 32.47 1.78
C CYS B 222 -9.71 32.95 0.35
N ARG B 223 -9.71 32.02 -0.60
CA ARG B 223 -9.77 32.39 -2.00
C ARG B 223 -10.82 31.62 -2.79
N ASN B 224 -11.91 31.27 -2.14
CA ASN B 224 -13.01 30.63 -2.78
C ASN B 224 -13.61 31.49 -3.88
N ASP B 225 -13.39 32.79 -3.84
CA ASP B 225 -13.85 33.68 -4.87
C ASP B 225 -12.81 34.00 -5.93
N ASP B 226 -11.60 33.49 -5.79
CA ASP B 226 -10.56 33.65 -6.79
C ASP B 226 -9.75 32.36 -6.91
N PRO B 227 -10.41 31.29 -7.29
CA PRO B 227 -9.87 29.95 -7.26
C PRO B 227 -8.49 29.78 -7.88
N GLU B 228 -8.27 30.41 -9.01
CA GLU B 228 -7.03 30.22 -9.77
C GLU B 228 -5.81 30.80 -9.05
N ARG B 229 -6.04 31.59 -8.01
CA ARG B 229 -5.02 32.18 -7.17
C ARG B 229 -4.81 31.49 -5.80
N ALA B 230 -5.63 30.50 -5.50
CA ALA B 230 -5.60 29.85 -4.21
C ALA B 230 -4.30 29.11 -3.94
N SER B 231 -3.85 28.32 -4.89
CA SER B 231 -2.63 27.54 -4.77
C SER B 231 -1.42 28.35 -5.15
N ARG B 232 -0.65 28.70 -4.17
CA ARG B 232 0.46 29.60 -4.31
C ARG B 232 1.68 29.20 -3.49
N PRO B 233 2.29 28.07 -3.83
CA PRO B 233 3.45 27.58 -3.12
C PRO B 233 4.51 28.67 -2.92
N TYR B 234 5.09 28.73 -1.75
CA TYR B 234 6.16 29.66 -1.40
C TYR B 234 5.75 31.12 -1.20
N ASP B 235 4.55 31.45 -1.59
CA ASP B 235 4.04 32.81 -1.49
C ASP B 235 3.62 33.15 -0.06
N VAL B 236 3.90 34.39 0.32
CA VAL B 236 3.60 34.87 1.67
C VAL B 236 2.12 34.72 2.04
N ASP B 237 1.26 34.74 1.03
CA ASP B 237 -0.19 34.71 1.28
C ASP B 237 -0.85 33.33 1.16
N ARG B 238 -0.03 32.28 1.11
CA ARG B 238 -0.56 30.90 1.03
C ARG B 238 -1.27 30.51 2.31
N ASP B 239 -2.29 29.67 2.16
CA ASP B 239 -3.13 29.33 3.30
C ASP B 239 -3.67 27.91 3.29
N GLY B 240 -2.92 27.01 2.65
CA GLY B 240 -3.30 25.60 2.58
C GLY B 240 -3.40 25.08 1.15
N PHE B 241 -3.48 23.76 1.01
CA PHE B 241 -3.54 23.17 -0.33
C PHE B 241 -4.93 23.13 -0.93
N VAL B 242 -4.93 22.95 -2.24
CA VAL B 242 -6.14 22.77 -3.01
C VAL B 242 -6.17 21.34 -3.48
N MET B 243 -7.24 20.66 -3.13
CA MET B 243 -7.39 19.25 -3.44
C MET B 243 -7.64 19.06 -4.93
N GLY B 244 -6.92 18.10 -5.49
CA GLY B 244 -7.12 17.71 -6.89
C GLY B 244 -7.55 16.26 -7.05
N GLU B 245 -7.58 15.83 -8.29
CA GLU B 245 -8.03 14.48 -8.59
C GLU B 245 -7.40 13.99 -9.87
N GLY B 246 -7.35 12.68 -10.04
CA GLY B 246 -6.89 12.08 -11.27
C GLY B 246 -6.01 10.87 -11.07
N ALA B 247 -5.31 10.51 -12.13
CA ALA B 247 -4.43 9.36 -12.11
C ALA B 247 -3.25 9.58 -13.04
N ALA B 248 -2.11 9.05 -12.64
CA ALA B 248 -0.92 9.11 -13.45
C ALA B 248 -0.16 7.78 -13.43
N ILE B 249 0.12 7.28 -14.62
CA ILE B 249 0.71 5.96 -14.80
C ILE B 249 1.84 6.03 -15.81
N VAL B 250 2.94 5.37 -15.49
CA VAL B 250 4.07 5.25 -16.43
C VAL B 250 4.33 3.78 -16.72
N VAL B 251 4.82 3.54 -17.94
CA VAL B 251 5.34 2.24 -18.28
C VAL B 251 6.83 2.24 -18.01
N LEU B 252 7.22 1.37 -17.08
CA LEU B 252 8.63 1.15 -16.76
C LEU B 252 9.06 -0.14 -17.45
N GLU B 253 10.29 -0.16 -17.93
CA GLU B 253 10.76 -1.26 -18.75
C GLU B 253 12.25 -1.48 -18.59
N GLU B 254 12.65 -2.75 -18.51
CA GLU B 254 14.08 -3.09 -18.45
C GLU B 254 14.75 -2.62 -19.75
N LEU B 255 15.94 -2.03 -19.61
CA LEU B 255 16.62 -1.34 -20.72
C LEU B 255 16.77 -2.20 -21.96
N GLU B 256 17.31 -3.39 -21.79
CA GLU B 256 17.62 -4.24 -22.96
C GLU B 256 16.33 -4.71 -23.64
N HIS B 257 15.30 -4.88 -22.84
CA HIS B 257 13.99 -5.29 -23.34
C HIS B 257 13.43 -4.17 -24.23
N ALA B 258 13.62 -2.94 -23.76
CA ALA B 258 13.15 -1.75 -24.48
C ALA B 258 13.90 -1.58 -25.80
N LYS B 259 15.21 -1.72 -25.73
CA LYS B 259 16.07 -1.53 -26.91
C LYS B 259 15.80 -2.58 -27.98
N LYS B 260 15.58 -3.80 -27.53
CA LYS B 260 15.42 -4.94 -28.44
C LYS B 260 14.17 -4.80 -29.30
N ARG B 261 13.12 -4.26 -28.72
CA ARG B 261 11.87 -4.06 -29.40
C ARG B 261 11.75 -2.68 -30.08
N GLY B 262 12.78 -1.88 -29.94
CA GLY B 262 12.80 -0.56 -30.53
C GLY B 262 11.94 0.49 -29.87
N ALA B 263 11.63 0.33 -28.61
CA ALA B 263 10.80 1.30 -27.93
C ALA B 263 11.45 2.65 -27.79
N ARG B 264 10.68 3.71 -27.86
CA ARG B 264 11.15 5.04 -27.59
C ARG B 264 11.32 5.23 -26.09
N ILE B 265 12.47 5.67 -25.68
CA ILE B 265 12.79 5.85 -24.29
C ILE B 265 12.70 7.30 -23.89
N TYR B 266 11.88 7.63 -22.91
CA TYR B 266 11.77 9.00 -22.47
C TYR B 266 12.88 9.42 -21.50
N ALA B 267 13.20 8.54 -20.58
CA ALA B 267 14.20 8.78 -19.53
C ALA B 267 14.53 7.52 -18.77
N GLU B 268 15.53 7.62 -17.91
CA GLU B 268 15.95 6.51 -17.07
C GLU B 268 15.72 6.85 -15.61
N ILE B 269 15.18 5.89 -14.85
CA ILE B 269 15.04 6.06 -13.40
C ILE B 269 16.31 5.53 -12.76
N ILE B 270 17.01 6.38 -12.03
CA ILE B 270 18.32 5.99 -11.52
C ILE B 270 18.46 6.06 -10.01
N GLY B 271 17.49 6.69 -9.36
CA GLY B 271 17.54 6.84 -7.91
C GLY B 271 16.19 6.92 -7.22
N TYR B 272 16.18 6.42 -6.00
CA TYR B 272 14.98 6.31 -5.18
C TYR B 272 15.41 6.32 -3.73
N GLY B 273 14.82 7.22 -2.97
CA GLY B 273 15.17 7.38 -1.55
C GLY B 273 13.94 7.46 -0.68
N LEU B 274 14.02 6.84 0.49
CA LEU B 274 12.91 6.75 1.43
C LEU B 274 13.33 7.17 2.82
N SER B 275 12.47 7.87 3.52
CA SER B 275 12.71 8.16 4.94
C SER B 275 11.44 8.41 5.73
N GLY B 276 11.64 8.52 7.04
CA GLY B 276 10.56 8.79 7.97
C GLY B 276 10.93 9.94 8.90
N ASP B 277 9.95 10.76 9.22
CA ASP B 277 10.13 11.92 10.14
C ASP B 277 10.05 11.49 11.60
N ALA B 278 9.14 10.57 11.89
CA ALA B 278 8.83 10.16 13.26
C ALA B 278 8.49 11.38 14.11
N TYR B 279 7.73 12.30 13.55
CA TYR B 279 7.49 13.58 14.23
C TYR B 279 6.05 13.76 14.64
N HIS B 280 5.16 13.72 13.67
CA HIS B 280 3.78 14.14 13.90
C HIS B 280 2.88 13.53 12.84
N ILE B 281 1.63 13.29 13.18
CA ILE B 281 0.71 12.56 12.28
C ILE B 281 0.32 13.30 10.99
N THR B 282 0.36 14.63 11.02
CA THR B 282 0.00 15.43 9.84
C THR B 282 1.02 16.51 9.47
N ALA B 283 1.74 17.00 10.47
CA ALA B 283 2.70 18.08 10.29
C ALA B 283 4.09 17.53 9.97
N PRO B 284 4.80 18.20 9.07
CA PRO B 284 6.15 17.80 8.73
C PRO B 284 7.14 18.24 9.78
N SER B 285 8.25 17.52 9.84
CA SER B 285 9.39 17.87 10.67
C SER B 285 9.76 19.34 10.51
N GLU B 286 9.78 20.06 11.63
CA GLU B 286 10.17 21.47 11.58
C GLU B 286 11.59 21.64 11.06
N SER B 287 12.39 20.58 11.19
CA SER B 287 13.82 20.64 10.88
C SER B 287 14.11 20.28 9.43
N GLY B 288 13.11 19.70 8.76
CA GLY B 288 13.28 19.18 7.40
C GLY B 288 14.29 18.06 7.27
N GLU B 289 14.71 17.47 8.37
CA GLU B 289 15.80 16.48 8.34
C GLU B 289 15.45 15.23 7.59
N GLY B 290 14.20 14.84 7.67
CA GLY B 290 13.69 13.65 6.99
C GLY B 290 13.72 13.83 5.49
N ALA B 291 13.20 14.99 5.06
CA ALA B 291 13.20 15.39 3.66
C ALA B 291 14.60 15.38 3.09
N GLN B 292 15.50 15.96 3.85
CA GLN B 292 16.90 16.02 3.49
C GLN B 292 17.47 14.62 3.30
N ARG B 293 17.15 13.72 4.21
CA ARG B 293 17.69 12.35 4.13
C ARG B 293 17.18 11.61 2.92
N SER B 294 15.91 11.83 2.61
CA SER B 294 15.28 11.22 1.44
C SER B 294 15.97 11.63 0.15
N MET B 295 16.13 12.94 0.00
CA MET B 295 16.85 13.49 -1.16
C MET B 295 18.25 12.92 -1.27
N MET B 296 18.98 12.95 -0.17
CA MET B 296 20.37 12.49 -0.17
C MET B 296 20.41 11.01 -0.53
N ALA B 297 19.44 10.26 -0.02
CA ALA B 297 19.42 8.81 -0.25
C ALA B 297 19.22 8.56 -1.72
N ALA B 298 18.32 9.31 -2.35
CA ALA B 298 18.00 9.13 -3.78
C ALA B 298 19.22 9.49 -4.63
N LEU B 299 19.87 10.58 -4.26
CA LEU B 299 21.01 11.07 -5.04
C LEU B 299 22.19 10.08 -4.96
N LYS B 300 22.38 9.52 -3.76
CA LYS B 300 23.47 8.56 -3.53
C LYS B 300 23.23 7.29 -4.34
N ARG B 301 21.98 6.85 -4.34
CA ARG B 301 21.61 5.64 -5.09
C ARG B 301 21.86 5.87 -6.56
N ALA B 302 21.59 7.08 -7.00
CA ALA B 302 21.70 7.46 -8.40
C ALA B 302 23.14 7.75 -8.78
N GLN B 303 23.98 7.88 -7.76
CA GLN B 303 25.39 8.25 -7.94
C GLN B 303 25.47 9.58 -8.65
N VAL B 304 24.64 10.50 -8.20
CA VAL B 304 24.55 11.82 -8.78
C VAL B 304 25.01 12.85 -7.76
N ASN B 305 25.95 13.69 -8.17
CA ASN B 305 26.38 14.82 -7.34
C ASN B 305 25.42 15.98 -7.57
N VAL B 306 25.11 16.73 -6.53
CA VAL B 306 24.23 17.88 -6.63
C VAL B 306 24.67 18.88 -7.69
N SER B 307 25.95 18.87 -8.02
CA SER B 307 26.45 19.69 -9.09
C SER B 307 25.90 19.35 -10.46
N GLU B 308 25.33 18.17 -10.59
CA GLU B 308 24.73 17.74 -11.82
C GLU B 308 23.21 17.97 -11.90
N LEU B 309 22.59 18.41 -10.84
CA LEU B 309 21.15 18.55 -10.83
C LEU B 309 20.68 19.78 -11.59
N ASP B 310 19.63 19.64 -12.39
CA ASP B 310 19.11 20.74 -13.22
C ASP B 310 17.76 21.26 -12.75
N TYR B 311 16.88 20.33 -12.40
CA TYR B 311 15.51 20.68 -12.05
C TYR B 311 15.01 19.83 -10.90
N ILE B 312 14.31 20.49 -9.99
CA ILE B 312 13.66 19.81 -8.88
C ILE B 312 12.16 20.06 -8.89
N ASN B 313 11.38 18.98 -8.86
CA ASN B 313 9.95 19.14 -8.68
C ASN B 313 9.62 18.97 -7.22
N ALA B 314 9.25 20.08 -6.59
CA ALA B 314 9.06 20.12 -5.15
C ALA B 314 7.77 19.42 -4.74
N HIS B 315 7.71 19.06 -3.47
CA HIS B 315 6.46 18.61 -2.86
C HIS B 315 5.50 19.79 -2.83
N GLY B 316 5.98 20.88 -2.25
CA GLY B 316 5.34 22.24 -2.27
C GLY B 316 3.84 22.37 -2.44
N THR B 317 3.11 22.13 -1.36
CA THR B 317 1.67 22.01 -1.45
C THR B 317 0.88 23.30 -1.20
N SER B 318 1.58 24.40 -0.90
CA SER B 318 0.98 25.69 -0.56
C SER B 318 0.56 25.80 0.88
N THR B 319 1.35 25.18 1.73
CA THR B 319 1.13 25.19 3.15
C THR B 319 2.33 25.85 3.76
N MET B 320 2.25 26.12 5.04
CA MET B 320 3.35 26.75 5.73
C MET B 320 4.64 25.94 5.60
N ALA B 321 4.52 24.64 5.48
CA ALA B 321 5.66 23.75 5.33
C ALA B 321 6.52 23.94 4.08
N ASP B 322 5.99 24.69 3.14
CA ASP B 322 6.70 24.93 1.87
C ASP B 322 8.14 25.38 2.12
N VAL B 323 8.32 26.25 3.11
CA VAL B 323 9.64 26.85 3.34
C VAL B 323 10.58 25.90 4.12
N ILE B 324 9.99 24.88 4.74
CA ILE B 324 10.81 23.83 5.40
C ILE B 324 11.53 23.02 4.32
N GLU B 325 10.77 22.64 3.30
CA GLU B 325 11.33 21.89 2.16
C GLU B 325 12.35 22.75 1.45
N LEU B 326 12.00 24.02 1.27
CA LEU B 326 12.91 24.96 0.62
C LEU B 326 14.27 24.97 1.30
N ALA B 327 14.23 25.10 2.63
CA ALA B 327 15.47 25.15 3.42
C ALA B 327 16.26 23.87 3.30
N ALA B 328 15.55 22.76 3.26
CA ALA B 328 16.20 21.44 3.18
C ALA B 328 16.91 21.30 1.85
N VAL B 329 16.24 21.77 0.80
CA VAL B 329 16.81 21.70 -0.56
C VAL B 329 18.06 22.55 -0.62
N GLU B 330 18.00 23.71 0.03
CA GLU B 330 19.14 24.62 0.03
C GLU B 330 20.35 23.95 0.69
N ARG B 331 20.09 23.19 1.75
CA ARG B 331 21.18 22.52 2.50
C ARG B 331 21.79 21.44 1.64
N VAL B 332 20.94 20.73 0.93
CA VAL B 332 21.38 19.66 0.03
C VAL B 332 22.23 20.22 -1.12
N LEU B 333 21.79 21.33 -1.68
CA LEU B 333 22.42 21.88 -2.90
C LEU B 333 23.67 22.67 -2.58
N GLY B 334 23.65 23.29 -1.41
CA GLY B 334 24.77 24.09 -0.95
C GLY B 334 25.16 25.14 -1.96
N TYR B 335 26.42 25.07 -2.35
CA TYR B 335 27.02 26.06 -3.24
C TYR B 335 26.34 26.09 -4.61
N TYR B 336 25.67 25.01 -4.96
CA TYR B 336 25.13 24.85 -6.32
C TYR B 336 23.69 25.34 -6.45
N ALA B 337 23.16 25.88 -5.37
CA ALA B 337 21.78 26.38 -5.33
C ALA B 337 21.41 27.27 -6.53
N PRO B 338 22.29 28.20 -6.92
CA PRO B 338 21.97 29.08 -8.04
C PRO B 338 21.81 28.38 -9.39
N GLN B 339 22.36 27.17 -9.51
CA GLN B 339 22.35 26.44 -10.78
C GLN B 339 21.05 25.70 -11.05
N VAL B 340 20.25 25.56 -10.00
CA VAL B 340 19.10 24.66 -10.03
C VAL B 340 17.78 25.42 -10.06
N SER B 341 16.87 24.91 -10.89
CA SER B 341 15.50 25.39 -10.95
C SER B 341 14.64 24.42 -10.16
N MET B 342 13.75 24.99 -9.37
CA MET B 342 12.80 24.20 -8.59
C MET B 342 11.43 24.83 -8.65
N SER B 343 10.42 24.01 -8.93
CA SER B 343 9.05 24.52 -8.99
C SER B 343 8.07 23.53 -8.41
N SER B 344 6.92 24.07 -8.03
CA SER B 344 5.79 23.25 -7.63
C SER B 344 4.65 23.37 -8.64
N THR B 345 4.32 22.24 -9.23
CA THR B 345 3.27 22.19 -10.24
C THR B 345 1.92 22.04 -9.56
N LYS B 346 1.95 21.94 -8.24
CA LYS B 346 0.72 21.92 -7.44
C LYS B 346 0.10 23.32 -7.51
N SER B 347 0.92 24.25 -7.97
CA SER B 347 0.47 25.63 -8.16
C SER B 347 -0.57 25.70 -9.26
N SER B 348 -0.47 24.74 -10.19
CA SER B 348 -1.35 24.65 -11.36
C SER B 348 -2.47 23.62 -11.25
N ILE B 349 -2.16 22.45 -10.70
CA ILE B 349 -3.14 21.33 -10.66
C ILE B 349 -3.57 20.90 -9.25
N GLY B 350 -3.15 21.65 -8.26
CA GLY B 350 -3.43 21.31 -6.90
C GLY B 350 -2.73 20.04 -6.43
N HIS B 351 -3.21 19.51 -5.33
CA HIS B 351 -2.60 18.38 -4.65
C HIS B 351 -3.36 17.13 -5.04
N LEU B 352 -2.79 16.31 -5.89
CA LEU B 352 -3.42 15.08 -6.32
C LEU B 352 -3.37 13.88 -5.31
N LEU B 353 -2.83 14.11 -4.14
CA LEU B 353 -2.72 13.12 -3.09
C LEU B 353 -2.09 11.85 -3.64
N GLY B 354 -2.79 10.75 -3.62
CA GLY B 354 -2.22 9.51 -4.11
C GLY B 354 -1.59 9.56 -5.49
N ALA B 355 -2.08 10.45 -6.34
CA ALA B 355 -1.61 10.54 -7.70
C ALA B 355 -0.48 11.56 -7.88
N ALA B 356 -0.25 12.38 -6.86
CA ALA B 356 0.66 13.54 -6.99
C ALA B 356 2.06 13.17 -7.45
N GLY B 357 2.63 12.17 -6.80
CA GLY B 357 4.02 11.79 -7.05
C GLY B 357 4.27 11.22 -8.43
N ALA B 358 3.23 10.59 -8.98
CA ALA B 358 3.31 10.00 -10.32
C ALA B 358 3.07 11.06 -11.38
N ALA B 359 2.12 11.96 -11.11
CA ALA B 359 1.82 13.04 -12.04
C ALA B 359 3.06 13.89 -12.18
N GLU B 360 3.71 14.12 -11.05
CA GLU B 360 4.90 14.97 -11.00
C GLU B 360 6.11 14.31 -11.65
N ALA B 361 6.18 12.99 -11.58
CA ALA B 361 7.24 12.22 -12.24
C ALA B 361 7.09 12.40 -13.76
N ILE B 362 5.87 12.34 -14.23
CA ILE B 362 5.55 12.54 -15.61
C ILE B 362 6.02 13.94 -16.07
N PHE B 363 5.73 14.96 -15.29
CA PHE B 363 6.16 16.31 -15.57
C PHE B 363 7.68 16.42 -15.64
N CYS B 364 8.36 15.69 -14.78
CA CYS B 364 9.82 15.61 -14.82
C CYS B 364 10.36 15.05 -16.13
N VAL B 365 9.77 13.97 -16.57
CA VAL B 365 10.10 13.31 -17.80
C VAL B 365 9.92 14.25 -18.97
N LEU B 366 8.85 15.01 -18.96
CA LEU B 366 8.58 15.94 -20.03
C LEU B 366 9.46 17.20 -19.92
N ALA B 367 9.86 17.53 -18.72
CA ALA B 367 10.80 18.65 -18.51
C ALA B 367 12.13 18.32 -19.22
N ILE B 368 12.51 17.04 -19.12
CA ILE B 368 13.68 16.53 -19.84
C ILE B 368 13.43 16.54 -21.35
N ARG B 369 12.30 16.02 -21.78
CA ARG B 369 12.03 15.93 -23.22
C ARG B 369 12.10 17.30 -23.87
N ASP B 370 11.51 18.28 -23.21
CA ASP B 370 11.32 19.58 -23.83
C ASP B 370 12.28 20.63 -23.28
N ASN B 371 13.23 20.21 -22.46
CA ASN B 371 14.18 21.14 -21.84
C ASN B 371 13.51 22.40 -21.28
N ILE B 372 12.56 22.21 -20.40
CA ILE B 372 11.81 23.33 -19.87
C ILE B 372 11.31 23.00 -18.47
N ALA B 373 11.50 23.96 -17.58
CA ALA B 373 11.04 23.84 -16.20
C ALA B 373 9.68 24.49 -16.05
N PRO B 374 8.68 23.71 -15.58
CA PRO B 374 7.38 24.31 -15.31
C PRO B 374 7.46 25.42 -14.27
N ALA B 375 6.51 26.35 -14.35
CA ALA B 375 6.43 27.47 -13.39
C ALA B 375 5.83 27.11 -12.06
N THR B 376 6.17 27.91 -11.07
CA THR B 376 5.37 28.03 -9.87
C THR B 376 4.43 29.21 -10.09
N LEU B 377 3.17 28.90 -10.38
CA LEU B 377 2.15 29.93 -10.54
C LEU B 377 1.94 30.68 -9.23
N ASN B 378 1.53 31.94 -9.37
CA ASN B 378 1.03 32.76 -8.26
C ASN B 378 2.07 33.18 -7.26
N LEU B 379 3.33 32.99 -7.58
CA LEU B 379 4.40 33.36 -6.72
C LEU B 379 4.74 34.85 -6.78
N GLU B 380 3.89 35.67 -6.17
CA GLU B 380 4.01 37.13 -6.21
C GLU B 380 4.97 37.66 -5.23
N ASN B 381 4.86 37.22 -4.00
CA ASN B 381 5.69 37.69 -2.90
C ASN B 381 6.24 36.53 -2.07
N PRO B 382 7.42 36.04 -2.42
CA PRO B 382 8.01 34.92 -1.70
C PRO B 382 8.18 35.23 -0.23
N SER B 383 7.96 34.21 0.61
CA SER B 383 8.07 34.35 2.05
C SER B 383 9.50 34.62 2.47
N ILE B 384 10.42 34.05 1.70
CA ILE B 384 11.84 34.19 1.99
C ILE B 384 12.63 34.26 0.71
N GLU B 385 13.75 34.96 0.73
CA GLU B 385 14.55 35.01 -0.47
C GLU B 385 15.48 33.81 -0.49
N THR B 386 15.73 33.31 -1.69
CA THR B 386 16.54 32.12 -1.88
C THR B 386 17.36 32.27 -3.14
N LYS B 387 18.50 31.59 -3.18
CA LYS B 387 19.35 31.59 -4.38
C LYS B 387 18.81 30.65 -5.43
N ILE B 388 17.90 29.78 -5.02
CA ILE B 388 17.29 28.81 -5.94
C ILE B 388 16.31 29.53 -6.85
N ASP B 389 16.27 29.12 -8.11
CA ASP B 389 15.29 29.66 -9.07
C ASP B 389 13.99 28.91 -8.93
N LEU B 390 12.96 29.60 -8.43
CA LEU B 390 11.65 28.98 -8.13
C LEU B 390 10.69 29.10 -9.31
N VAL B 391 11.24 29.53 -10.43
CA VAL B 391 10.53 29.64 -11.71
C VAL B 391 9.14 30.31 -11.56
N PRO B 392 9.11 31.52 -10.97
CA PRO B 392 7.83 32.16 -10.76
C PRO B 392 7.09 32.52 -12.06
N HIS B 393 5.79 32.27 -12.05
CA HIS B 393 4.86 32.77 -13.08
C HIS B 393 4.89 32.08 -14.45
N LYS B 394 6.08 32.01 -15.04
CA LYS B 394 6.24 31.46 -16.40
C LYS B 394 7.36 30.44 -16.44
N PRO B 395 7.21 29.40 -17.28
CA PRO B 395 8.22 28.34 -17.34
C PRO B 395 9.52 28.85 -17.87
N ARG B 396 10.60 28.16 -17.54
CA ARG B 396 11.94 28.59 -17.96
C ARG B 396 12.60 27.54 -18.82
N GLU B 397 12.89 27.90 -20.07
CA GLU B 397 13.60 27.02 -20.97
C GLU B 397 15.08 26.99 -20.59
N ARG B 398 15.60 25.78 -20.43
CA ARG B 398 16.96 25.56 -19.93
C ARG B 398 17.35 24.12 -20.14
N LYS B 399 18.64 23.86 -20.00
CA LYS B 399 19.13 22.50 -20.08
C LYS B 399 18.60 21.72 -18.90
N ILE B 400 17.93 20.60 -19.20
CA ILE B 400 17.44 19.68 -18.17
C ILE B 400 17.74 18.24 -18.53
N ASP B 401 18.76 17.68 -17.88
CA ASP B 401 19.19 16.31 -18.13
C ASP B 401 18.97 15.43 -16.90
N THR B 402 19.13 16.02 -15.73
CA THR B 402 19.00 15.33 -14.46
C THR B 402 18.00 16.01 -13.53
N VAL B 403 17.05 15.22 -13.06
CA VAL B 403 15.94 15.74 -12.26
C VAL B 403 15.70 14.96 -10.98
N LEU B 404 15.25 15.70 -9.98
CA LEU B 404 14.84 15.13 -8.69
C LEU B 404 13.41 15.53 -8.39
N SER B 405 12.63 14.58 -7.87
CA SER B 405 11.26 14.86 -7.45
C SER B 405 10.97 14.38 -6.04
N ASN B 406 10.40 15.29 -5.25
CA ASN B 406 10.05 15.05 -3.84
C ASN B 406 8.58 14.85 -3.56
N SER B 407 8.32 13.90 -2.67
CA SER B 407 6.98 13.63 -2.16
C SER B 407 7.01 13.32 -0.67
N PHE B 408 6.35 14.18 0.11
CA PHE B 408 6.37 14.08 1.57
C PHE B 408 4.96 13.97 2.12
N GLY B 409 4.60 12.76 2.53
CA GLY B 409 3.21 12.44 2.88
C GLY B 409 2.86 12.52 4.35
N PHE B 410 1.58 12.73 4.59
CA PHE B 410 1.03 12.68 5.95
C PHE B 410 1.47 11.37 6.58
N GLY B 411 1.89 11.44 7.83
CA GLY B 411 2.37 10.29 8.56
C GLY B 411 3.88 10.34 8.65
N GLY B 412 4.45 11.29 7.93
CA GLY B 412 5.90 11.48 7.91
C GLY B 412 6.63 10.57 6.94
N THR B 413 5.90 10.12 5.92
CA THR B 413 6.45 9.20 4.91
C THR B 413 7.02 9.95 3.70
N ASN B 414 8.34 9.90 3.54
CA ASN B 414 9.03 10.66 2.51
C ASN B 414 9.58 9.79 1.40
N ALA B 415 9.45 10.30 0.18
CA ALA B 415 10.05 9.67 -1.01
C ALA B 415 10.64 10.70 -1.97
N SER B 416 11.78 10.34 -2.54
CA SER B 416 12.43 11.13 -3.56
C SER B 416 12.85 10.25 -4.72
N LEU B 417 12.69 10.75 -5.93
CA LEU B 417 13.07 10.01 -7.12
C LEU B 417 14.04 10.85 -7.94
N VAL B 418 15.01 10.18 -8.55
CA VAL B 418 15.97 10.82 -9.45
C VAL B 418 15.90 10.16 -10.83
N MET B 419 15.70 10.99 -11.85
CA MET B 419 15.62 10.52 -13.22
C MET B 419 16.57 11.28 -14.11
N ARG B 420 16.93 10.66 -15.22
CA ARG B 420 17.94 11.24 -16.10
C ARG B 420 17.72 10.92 -17.55
N ARG B 421 18.12 11.86 -18.37
CA ARG B 421 18.09 11.69 -19.81
C ARG B 421 18.84 10.42 -20.17
N PHE B 422 18.28 9.65 -21.09
CA PHE B 422 18.93 8.43 -21.55
C PHE B 422 19.76 8.69 -22.81
N SER B 423 21.04 8.41 -22.72
CA SER B 423 21.96 8.48 -23.86
C SER B 423 22.26 7.07 -24.29
N GLU B 424 22.83 6.35 -23.33
CA GLU B 424 22.91 4.89 -23.38
C GLU B 424 23.47 4.32 -22.07
K K C . -0.12 -18.67 4.49
K K D . 7.27 16.51 -6.56
#